data_4JCH
#
_entry.id   4JCH
#
_cell.length_a   51.620
_cell.length_b   65.689
_cell.length_c   77.939
_cell.angle_alpha   99.17
_cell.angle_beta   100.17
_cell.angle_gamma   96.76
#
_symmetry.space_group_name_H-M   'P 1'
#
loop_
_entity.id
_entity.type
_entity.pdbx_description
1 polymer 'Protein KES1'
2 non-polymer '(3beta,9beta,22R,25R)-3-hydroxyfurost-5-en-27-yl propanoate'
3 water water
#
_entity_poly.entity_id   1
_entity_poly.type   'polypeptide(L)'
_entity_poly.pdbx_seq_one_letter_code
;MDPSQYASSSSWTSFLKSIASFNGDLSSLSAPPFILSPISLTEFSQYWAEHPELFLEPSFINDDNYKEHCLIDPEVESPE
LARMLAVTKWFISTLKSQYCSRNESLGSEKKPLNPFLGELFVGKWENKEHPEFGETVLLSEQVSHHPPVTAFSIFNDKNK
VKLQGYNQIKASFTKSLMLTVKQFGHTMLDIKDESYLVTPPPLHIEGILVASPFVELEGKSYIQSSTGLLCVIEFSGRGY
FSGKKNSFKARIYKDSKDSKDKEKALYTISGQWSGSSKIIKANKKEESRLFYDAARIPAEHLNVKPLEEQHPLESRKAWY
DVAGAIKLGDFNLIAKTKTELEETQRELRKEEEAKGISWQRRWFKDFDYSVTPEEGALVPEKDDTFLKLASALNLSTKNA
PSGTLVGDKEDRKEDLSSIHWRFQRELWDEEKEIVL
;
_entity_poly.pdbx_strand_id   A,B
#
# COMPACT_ATOMS: atom_id res chain seq x y z
N MET A 1 -4.99 -19.35 9.70
CA MET A 1 -3.81 -20.04 9.14
C MET A 1 -2.95 -19.07 8.32
N ASP A 2 -1.69 -19.43 8.14
CA ASP A 2 -0.81 -18.73 7.27
C ASP A 2 -1.17 -18.96 5.78
N PRO A 3 -0.99 -17.95 4.87
CA PRO A 3 -1.36 -18.22 3.46
C PRO A 3 -0.69 -19.39 2.80
N SER A 4 0.49 -19.72 3.29
CA SER A 4 1.22 -20.88 2.76
C SER A 4 0.44 -22.19 3.04
N GLN A 5 -0.49 -22.18 3.98
CA GLN A 5 -1.26 -23.40 4.34
C GLN A 5 -2.60 -23.44 3.60
N TYR A 6 -2.97 -22.36 2.93
CA TYR A 6 -4.27 -22.33 2.30
C TYR A 6 -4.42 -23.43 1.27
N ALA A 7 -3.45 -23.61 0.35
CA ALA A 7 -3.78 -24.42 -0.84
C ALA A 7 -4.02 -25.89 -0.52
N SER A 8 -3.34 -26.38 0.48
CA SER A 8 -3.48 -27.81 0.88
C SER A 8 -4.50 -28.07 1.98
N SER A 9 -5.10 -27.01 2.52
CA SER A 9 -6.09 -27.10 3.58
C SER A 9 -7.33 -27.91 3.11
N SER A 10 -7.96 -28.57 4.07
CA SER A 10 -9.29 -29.18 3.82
C SER A 10 -10.25 -28.19 3.22
N SER A 11 -10.36 -27.00 3.85
CA SER A 11 -11.24 -25.94 3.30
C SER A 11 -11.03 -25.64 1.81
N TRP A 12 -9.81 -25.42 1.42
CA TRP A 12 -9.55 -25.07 0.02
C TRP A 12 -9.80 -26.22 -0.94
N THR A 13 -9.36 -27.43 -0.56
CA THR A 13 -9.62 -28.60 -1.35
C THR A 13 -11.13 -28.75 -1.55
N SER A 14 -11.94 -28.60 -0.49
CA SER A 14 -13.40 -28.63 -0.58
C SER A 14 -13.94 -27.58 -1.48
N PHE A 15 -13.33 -26.39 -1.38
CA PHE A 15 -13.76 -25.26 -2.17
C PHE A 15 -13.50 -25.54 -3.67
N LEU A 16 -12.34 -26.01 -4.03
CA LEU A 16 -12.03 -26.30 -5.43
C LEU A 16 -12.95 -27.37 -6.01
N LYS A 17 -13.30 -28.32 -5.15
CA LYS A 17 -14.29 -29.31 -5.64
C LYS A 17 -15.63 -28.69 -5.93
N SER A 18 -16.06 -27.71 -5.14
CA SER A 18 -17.34 -27.04 -5.33
C SER A 18 -17.43 -26.30 -6.66
N ILE A 19 -16.28 -25.91 -7.15
CA ILE A 19 -16.24 -25.28 -8.46
C ILE A 19 -16.72 -26.16 -9.65
N ALA A 20 -16.33 -27.44 -9.73
CA ALA A 20 -16.74 -28.31 -10.85
C ALA A 20 -18.21 -28.59 -10.73
N SER A 21 -18.60 -29.05 -9.54
CA SER A 21 -20.01 -29.17 -9.14
C SER A 21 -20.78 -27.82 -9.26
N PHE A 22 -20.01 -26.73 -9.39
CA PHE A 22 -20.55 -25.36 -9.55
C PHE A 22 -21.64 -25.29 -10.57
N ASN A 23 -22.84 -25.02 -10.07
CA ASN A 23 -23.86 -24.49 -10.95
C ASN A 23 -24.80 -23.57 -10.13
N GLY A 24 -25.13 -22.41 -10.74
CA GLY A 24 -25.62 -21.20 -10.03
C GLY A 24 -24.79 -19.97 -10.51
N ASP A 25 -24.55 -19.00 -9.61
CA ASP A 25 -23.35 -18.08 -9.78
C ASP A 25 -22.48 -17.79 -8.52
N LEU A 26 -21.56 -16.83 -8.60
CA LEU A 26 -20.40 -16.80 -7.69
C LEU A 26 -20.80 -16.81 -6.24
N SER A 27 -21.84 -16.03 -5.94
CA SER A 27 -22.33 -15.88 -4.58
C SER A 27 -23.11 -17.12 -4.14
N SER A 28 -22.95 -18.21 -4.90
CA SER A 28 -23.36 -19.53 -4.45
C SER A 28 -22.19 -20.19 -3.76
N LEU A 29 -21.12 -20.55 -4.49
CA LEU A 29 -20.02 -21.24 -3.89
C LEU A 29 -19.84 -20.45 -2.61
N SER A 30 -20.17 -21.07 -1.50
CA SER A 30 -19.66 -20.63 -0.24
C SER A 30 -18.13 -20.96 -0.37
N ALA A 31 -17.32 -19.99 0.05
CA ALA A 31 -15.87 -20.00 -0.09
C ALA A 31 -15.38 -19.86 1.37
N PRO A 32 -14.20 -20.38 1.73
CA PRO A 32 -13.72 -20.24 3.08
C PRO A 32 -13.54 -18.79 3.48
N PRO A 33 -13.69 -18.48 4.77
CA PRO A 33 -13.55 -17.14 5.28
C PRO A 33 -12.25 -16.44 4.95
N PHE A 34 -11.15 -17.20 4.84
CA PHE A 34 -9.88 -16.59 4.51
C PHE A 34 -9.82 -16.02 3.09
N ILE A 35 -10.75 -16.39 2.20
CA ILE A 35 -10.73 -15.87 0.84
C ILE A 35 -11.86 -14.84 0.62
N LEU A 36 -12.57 -14.48 1.70
CA LEU A 36 -13.56 -13.41 1.66
C LEU A 36 -13.02 -12.04 1.97
N SER A 37 -13.57 -11.06 1.25
CA SER A 37 -13.34 -9.66 1.47
C SER A 37 -14.46 -9.00 2.19
N PRO A 38 -14.15 -8.07 3.07
CA PRO A 38 -15.23 -7.36 3.73
C PRO A 38 -15.74 -6.10 2.99
N ILE A 39 -15.46 -5.97 1.70
CA ILE A 39 -15.78 -4.80 0.89
C ILE A 39 -16.77 -5.24 -0.19
N SER A 40 -17.86 -4.49 -0.30
CA SER A 40 -18.82 -4.68 -1.36
C SER A 40 -18.42 -4.14 -2.71
N LEU A 41 -18.93 -4.77 -3.73
CA LEU A 41 -18.74 -4.30 -5.11
C LEU A 41 -19.29 -2.88 -5.42
N THR A 42 -20.23 -2.34 -4.61
CA THR A 42 -20.66 -1.01 -4.84
C THR A 42 -19.52 -0.05 -4.56
N GLU A 43 -18.53 -0.41 -3.72
CA GLU A 43 -17.44 0.45 -3.50
C GLU A 43 -16.44 0.51 -4.64
N PHE A 44 -16.46 -0.47 -5.54
CA PHE A 44 -15.45 -0.52 -6.57
C PHE A 44 -15.52 0.72 -7.53
N SER A 45 -16.71 1.39 -7.58
CA SER A 45 -16.91 2.57 -8.43
C SER A 45 -15.88 3.65 -8.08
N GLN A 46 -15.42 3.71 -6.82
CA GLN A 46 -14.44 4.70 -6.40
C GLN A 46 -13.10 4.60 -7.14
N TYR A 47 -12.83 3.44 -7.72
CA TYR A 47 -11.58 3.21 -8.39
C TYR A 47 -11.41 3.99 -9.68
N TRP A 48 -12.46 4.66 -10.12
CA TRP A 48 -12.38 5.46 -11.32
C TRP A 48 -11.73 6.82 -11.11
N ALA A 49 -11.49 7.23 -9.85
CA ALA A 49 -11.02 8.62 -9.61
C ALA A 49 -10.13 8.82 -8.40
N GLU A 50 -9.32 7.85 -8.05
CA GLU A 50 -8.40 7.95 -6.91
C GLU A 50 -7.18 8.78 -7.15
N HIS A 51 -7.08 9.40 -8.34
CA HIS A 51 -6.05 10.42 -8.61
C HIS A 51 -6.74 11.68 -9.02
N PRO A 52 -7.14 12.50 -8.04
CA PRO A 52 -8.05 13.57 -8.45
C PRO A 52 -7.51 14.56 -9.48
N GLU A 53 -6.20 14.81 -9.45
CA GLU A 53 -5.55 15.71 -10.35
C GLU A 53 -5.56 15.19 -11.81
N LEU A 54 -5.52 13.89 -12.00
CA LEU A 54 -5.56 13.32 -13.30
C LEU A 54 -6.97 13.28 -13.83
N PHE A 55 -7.95 13.06 -12.93
CA PHE A 55 -9.34 13.10 -13.34
C PHE A 55 -9.74 14.47 -13.89
N LEU A 56 -9.21 15.56 -13.25
CA LEU A 56 -9.63 16.88 -13.59
C LEU A 56 -8.72 17.56 -14.62
N GLU A 57 -7.50 17.08 -14.79
CA GLU A 57 -6.49 17.71 -15.71
C GLU A 57 -7.06 18.09 -17.09
N PRO A 58 -7.88 17.23 -17.72
CA PRO A 58 -8.35 17.61 -19.06
C PRO A 58 -9.19 18.87 -19.12
N SER A 59 -9.88 19.20 -18.03
CA SER A 59 -10.67 20.39 -17.95
C SER A 59 -9.82 21.67 -17.89
N PHE A 60 -8.55 21.51 -17.58
CA PHE A 60 -7.65 22.68 -17.42
C PHE A 60 -6.91 23.01 -18.70
N ILE A 61 -7.16 22.24 -19.76
CA ILE A 61 -6.41 22.33 -21.01
C ILE A 61 -7.28 23.05 -21.99
N ASN A 62 -6.84 24.19 -22.53
CA ASN A 62 -7.70 25.01 -23.42
C ASN A 62 -6.82 25.52 -24.56
N ASP A 63 -7.42 26.27 -25.45
CA ASP A 63 -6.70 26.76 -26.65
C ASP A 63 -5.53 27.66 -26.29
N ASP A 64 -5.59 28.30 -25.13
CA ASP A 64 -4.54 29.24 -24.72
C ASP A 64 -3.43 28.69 -23.89
N ASN A 65 -3.49 27.41 -23.54
CA ASN A 65 -2.46 26.83 -22.64
C ASN A 65 -2.03 25.38 -22.98
N TYR A 66 -2.61 24.80 -24.05
CA TYR A 66 -2.47 23.34 -24.19
C TYR A 66 -1.06 22.83 -24.29
N LYS A 67 -0.17 23.61 -24.92
CA LYS A 67 1.19 23.14 -25.04
C LYS A 67 1.96 23.14 -23.71
N GLU A 68 1.51 23.89 -22.72
CA GLU A 68 2.05 23.84 -21.32
C GLU A 68 1.39 22.76 -20.41
N HIS A 69 0.42 22.07 -20.93
CA HIS A 69 -0.26 20.95 -20.21
C HIS A 69 -0.12 19.66 -21.08
N CYS A 70 1.05 19.46 -21.68
CA CYS A 70 1.35 18.21 -22.28
C CYS A 70 2.80 17.84 -22.02
N LEU A 71 3.02 17.30 -20.82
CA LEU A 71 4.42 17.07 -20.36
C LEU A 71 5.24 16.22 -21.30
N ILE A 72 4.66 15.17 -21.87
CA ILE A 72 5.42 14.34 -22.75
C ILE A 72 5.59 14.90 -24.15
N ASP A 73 4.87 15.99 -24.47
CA ASP A 73 4.99 16.56 -25.83
C ASP A 73 4.57 18.01 -25.85
N PRO A 74 5.51 18.86 -25.43
CA PRO A 74 5.27 20.33 -25.51
C PRO A 74 5.05 20.89 -26.91
N GLU A 75 5.26 20.05 -27.93
CA GLU A 75 4.91 20.31 -29.36
C GLU A 75 3.63 19.59 -29.84
N VAL A 76 2.79 19.18 -28.89
CA VAL A 76 1.54 18.52 -29.26
C VAL A 76 0.75 19.34 -30.28
N GLU A 77 0.13 18.65 -31.22
CA GLU A 77 -0.48 19.31 -32.37
C GLU A 77 -1.78 20.07 -32.13
N SER A 78 -2.52 19.74 -31.08
CA SER A 78 -3.76 20.40 -30.79
C SER A 78 -4.19 20.22 -29.36
N PRO A 79 -5.11 21.08 -28.91
CA PRO A 79 -5.62 20.91 -27.53
C PRO A 79 -6.49 19.65 -27.39
N GLU A 80 -7.16 19.24 -28.46
CA GLU A 80 -7.93 17.98 -28.48
C GLU A 80 -6.98 16.79 -28.21
N LEU A 81 -5.80 16.82 -28.81
CA LEU A 81 -4.87 15.72 -28.70
C LEU A 81 -4.27 15.78 -27.32
N ALA A 82 -4.02 17.01 -26.84
CA ALA A 82 -3.52 17.19 -25.46
C ALA A 82 -4.48 16.57 -24.44
N ARG A 83 -5.77 16.79 -24.68
CA ARG A 83 -6.83 16.27 -23.75
C ARG A 83 -6.93 14.78 -23.92
N MET A 84 -6.75 14.22 -25.11
CA MET A 84 -6.79 12.78 -25.27
C MET A 84 -5.62 12.12 -24.53
N LEU A 85 -4.43 12.75 -24.55
CA LEU A 85 -3.32 12.16 -23.86
C LEU A 85 -3.62 12.22 -22.33
N ALA A 86 -4.20 13.28 -21.88
CA ALA A 86 -4.50 13.41 -20.47
C ALA A 86 -5.57 12.36 -20.00
N VAL A 87 -6.63 12.23 -20.80
CA VAL A 87 -7.63 11.18 -20.50
C VAL A 87 -7.02 9.77 -20.49
N THR A 88 -6.13 9.46 -21.46
CA THR A 88 -5.40 8.21 -21.48
C THR A 88 -4.60 8.01 -20.19
N LYS A 89 -3.86 9.05 -19.76
CA LYS A 89 -3.09 8.96 -18.52
C LYS A 89 -4.05 8.67 -17.35
N TRP A 90 -5.16 9.38 -17.32
CA TRP A 90 -6.18 9.15 -16.27
C TRP A 90 -6.67 7.72 -16.28
N PHE A 91 -7.02 7.21 -17.47
CA PHE A 91 -7.52 5.87 -17.53
C PHE A 91 -6.44 4.87 -17.04
N ILE A 92 -5.23 5.01 -17.52
CA ILE A 92 -4.17 4.12 -17.06
C ILE A 92 -4.02 4.21 -15.55
N SER A 93 -4.13 5.38 -14.97
CA SER A 93 -3.98 5.51 -13.53
C SER A 93 -5.07 4.80 -12.73
N THR A 94 -6.24 4.57 -13.33
CA THR A 94 -7.29 3.87 -12.65
C THR A 94 -6.96 2.39 -12.42
N LEU A 95 -6.08 1.79 -13.25
CA LEU A 95 -6.06 0.39 -13.32
C LEU A 95 -5.51 -0.28 -12.04
N LYS A 96 -4.46 0.29 -11.48
CA LYS A 96 -3.91 -0.18 -10.22
C LYS A 96 -4.98 -0.15 -9.14
N SER A 97 -5.81 0.88 -9.08
CA SER A 97 -6.89 0.89 -8.06
C SER A 97 -7.88 -0.25 -8.35
N GLN A 98 -8.33 -0.30 -9.60
CA GLN A 98 -9.39 -1.28 -10.02
C GLN A 98 -8.96 -2.73 -9.69
N TYR A 99 -7.72 -3.06 -10.04
CA TYR A 99 -7.32 -4.47 -10.11
C TYR A 99 -6.27 -4.92 -9.12
N CYS A 100 -5.62 -4.00 -8.41
CA CYS A 100 -4.61 -4.39 -7.48
C CYS A 100 -4.97 -4.05 -6.03
N SER A 101 -6.04 -3.30 -5.77
CA SER A 101 -6.28 -2.81 -4.41
C SER A 101 -6.39 -3.92 -3.33
N ARG A 102 -7.00 -5.02 -3.66
CA ARG A 102 -7.19 -6.08 -2.64
C ARG A 102 -5.89 -6.85 -2.46
N ASN A 103 -5.11 -7.05 -3.52
CA ASN A 103 -3.82 -7.66 -3.35
C ASN A 103 -3.01 -6.90 -2.28
N GLU A 104 -3.06 -5.58 -2.40
CA GLU A 104 -2.39 -4.68 -1.49
C GLU A 104 -2.96 -4.68 -0.07
N SER A 105 -4.26 -4.60 0.08
CA SER A 105 -4.85 -4.44 1.41
C SER A 105 -5.20 -5.77 2.10
N LEU A 106 -5.46 -6.82 1.31
CA LEU A 106 -5.89 -8.10 1.86
C LEU A 106 -4.89 -9.22 1.68
N GLY A 107 -4.01 -9.08 0.72
CA GLY A 107 -2.93 -10.02 0.41
C GLY A 107 -3.14 -10.82 -0.85
N SER A 108 -4.35 -10.74 -1.39
CA SER A 108 -4.68 -11.42 -2.59
C SER A 108 -6.00 -10.84 -3.07
N GLU A 109 -6.37 -11.12 -4.30
CA GLU A 109 -7.76 -10.93 -4.71
C GLU A 109 -8.60 -11.85 -3.84
N LYS A 110 -9.78 -11.36 -3.45
CA LYS A 110 -10.70 -12.13 -2.65
C LYS A 110 -12.15 -11.89 -3.15
N LYS A 111 -13.08 -12.70 -2.64
CA LYS A 111 -14.44 -12.66 -3.07
C LYS A 111 -15.06 -11.47 -2.36
N PRO A 112 -15.50 -10.46 -3.14
CA PRO A 112 -16.19 -9.29 -2.58
C PRO A 112 -17.59 -9.64 -2.10
N LEU A 113 -18.14 -8.75 -1.27
CA LEU A 113 -19.52 -8.89 -0.89
C LEU A 113 -20.41 -8.59 -2.11
N ASN A 114 -21.41 -9.45 -2.30
CA ASN A 114 -22.35 -9.30 -3.41
C ASN A 114 -23.45 -8.31 -2.98
N PRO A 115 -23.51 -7.13 -3.64
CA PRO A 115 -24.40 -6.05 -3.10
C PRO A 115 -25.87 -6.42 -3.16
N PHE A 116 -26.64 -5.91 -2.17
CA PHE A 116 -28.04 -6.05 -2.19
C PHE A 116 -28.66 -5.02 -3.12
N LEU A 117 -29.80 -5.34 -3.75
CA LEU A 117 -30.50 -4.37 -4.53
C LEU A 117 -30.81 -3.14 -3.70
N GLY A 118 -30.51 -1.97 -4.29
CA GLY A 118 -30.77 -0.69 -3.63
C GLY A 118 -29.62 -0.15 -2.81
N GLU A 119 -28.58 -0.97 -2.59
CA GLU A 119 -27.44 -0.57 -1.82
C GLU A 119 -26.81 0.65 -2.43
N LEU A 120 -26.34 1.57 -1.56
CA LEU A 120 -25.73 2.79 -2.04
C LEU A 120 -24.36 2.98 -1.44
N PHE A 121 -23.49 3.69 -2.16
CA PHE A 121 -22.16 4.02 -1.62
C PHE A 121 -21.83 5.39 -2.16
N VAL A 122 -21.70 6.38 -1.24
CA VAL A 122 -21.45 7.75 -1.60
C VAL A 122 -20.32 8.31 -0.77
N GLY A 123 -19.64 9.27 -1.33
CA GLY A 123 -18.54 10.00 -0.69
C GLY A 123 -18.08 11.13 -1.56
N LYS A 124 -16.98 11.77 -1.17
CA LYS A 124 -16.45 12.90 -1.92
C LYS A 124 -14.98 13.02 -1.73
N TRP A 125 -14.30 13.48 -2.80
CA TRP A 125 -12.93 13.86 -2.66
C TRP A 125 -13.03 15.36 -2.46
N GLU A 126 -12.63 15.87 -1.28
CA GLU A 126 -12.80 17.32 -1.02
C GLU A 126 -11.79 18.20 -1.68
N ASN A 127 -10.61 17.63 -1.98
CA ASN A 127 -9.54 18.31 -2.72
C ASN A 127 -9.16 19.62 -1.97
N LYS A 128 -9.16 19.52 -0.64
CA LYS A 128 -8.83 20.64 0.28
C LYS A 128 -7.53 21.28 -0.12
N GLU A 129 -6.55 20.50 -0.54
CA GLU A 129 -5.21 21.05 -0.89
C GLU A 129 -5.22 21.88 -2.20
N HIS A 130 -6.22 21.72 -3.04
CA HIS A 130 -6.28 22.44 -4.29
C HIS A 130 -7.64 23.09 -4.51
N PRO A 131 -7.87 24.30 -3.99
CA PRO A 131 -9.16 24.97 -4.13
C PRO A 131 -9.69 25.14 -5.57
N GLU A 132 -8.81 25.12 -6.57
CA GLU A 132 -9.30 25.28 -7.93
C GLU A 132 -9.94 23.95 -8.41
N PHE A 133 -9.66 22.86 -7.72
CA PHE A 133 -10.33 21.53 -8.07
C PHE A 133 -11.81 21.53 -7.73
N GLY A 134 -12.14 21.91 -6.51
CA GLY A 134 -13.52 21.83 -6.02
C GLY A 134 -13.79 20.37 -5.64
N GLU A 135 -14.95 20.15 -5.04
CA GLU A 135 -15.33 18.85 -4.52
C GLU A 135 -15.73 17.94 -5.73
N THR A 136 -15.27 16.68 -5.68
CA THR A 136 -15.70 15.65 -6.60
C THR A 136 -16.53 14.61 -5.81
N VAL A 137 -17.72 14.37 -6.32
CA VAL A 137 -18.75 13.52 -5.67
C VAL A 137 -18.77 12.17 -6.35
N LEU A 138 -18.82 11.11 -5.56
CA LEU A 138 -19.13 9.72 -6.02
C LEU A 138 -20.48 9.26 -5.53
N LEU A 139 -21.32 8.81 -6.48
CA LEU A 139 -22.59 8.13 -6.22
C LEU A 139 -22.51 6.76 -6.87
N SER A 140 -22.69 5.70 -6.11
CA SER A 140 -22.65 4.33 -6.59
C SER A 140 -23.91 3.65 -6.12
N GLU A 141 -24.58 2.91 -7.01
CA GLU A 141 -25.86 2.31 -6.60
C GLU A 141 -25.98 0.91 -7.20
N GLN A 142 -26.41 -0.07 -6.41
CA GLN A 142 -26.66 -1.40 -6.95
C GLN A 142 -28.04 -1.45 -7.62
N VAL A 143 -28.04 -1.40 -8.95
CA VAL A 143 -29.28 -1.27 -9.75
C VAL A 143 -29.86 -2.63 -10.12
N SER A 144 -29.09 -3.69 -9.93
CA SER A 144 -29.60 -5.06 -10.08
C SER A 144 -28.84 -6.01 -9.17
N HIS A 145 -29.55 -7.05 -8.71
CA HIS A 145 -28.96 -8.08 -7.96
C HIS A 145 -28.98 -9.43 -8.79
N HIS A 146 -30.01 -9.61 -9.63
CA HIS A 146 -30.15 -10.82 -10.49
C HIS A 146 -30.13 -10.33 -11.94
N PRO A 147 -28.92 -10.11 -12.52
CA PRO A 147 -27.57 -10.33 -12.02
C PRO A 147 -27.02 -9.09 -11.32
N PRO A 148 -25.86 -9.19 -10.69
CA PRO A 148 -25.33 -8.00 -10.03
C PRO A 148 -24.94 -6.95 -11.07
N VAL A 149 -25.44 -5.71 -10.90
CA VAL A 149 -25.08 -4.58 -11.78
C VAL A 149 -24.92 -3.35 -10.89
N THR A 150 -23.76 -2.73 -10.99
CA THR A 150 -23.45 -1.50 -10.23
C THR A 150 -23.43 -0.34 -11.24
N ALA A 151 -24.15 0.72 -10.92
CA ALA A 151 -24.13 1.98 -11.72
C ALA A 151 -23.50 3.09 -10.86
N PHE A 152 -22.87 4.04 -11.54
CA PHE A 152 -22.06 5.03 -10.84
C PHE A 152 -21.89 6.33 -11.65
N SER A 153 -21.75 7.41 -10.84
CA SER A 153 -21.36 8.68 -11.40
C SER A 153 -20.39 9.33 -10.46
N ILE A 154 -19.42 9.99 -11.08
CA ILE A 154 -18.40 10.76 -10.37
C ILE A 154 -18.37 12.14 -11.08
N PHE A 155 -18.61 13.20 -10.31
CA PHE A 155 -18.78 14.52 -10.90
C PHE A 155 -18.14 15.64 -10.09
N ASN A 156 -17.62 16.58 -10.87
CA ASN A 156 -16.95 17.81 -10.36
C ASN A 156 -17.68 19.00 -11.03
N ASP A 157 -18.56 19.61 -10.25
CA ASP A 157 -19.37 20.73 -10.74
C ASP A 157 -18.54 21.96 -11.11
N LYS A 158 -17.49 22.21 -10.35
CA LYS A 158 -16.71 23.41 -10.51
C LYS A 158 -16.04 23.48 -11.86
N ASN A 159 -15.58 22.32 -12.33
CA ASN A 159 -14.80 22.22 -13.54
C ASN A 159 -15.51 21.51 -14.68
N LYS A 160 -16.78 21.17 -14.48
CA LYS A 160 -17.66 20.59 -15.48
C LYS A 160 -17.01 19.26 -15.97
N VAL A 161 -16.51 18.49 -15.02
CA VAL A 161 -16.04 17.12 -15.33
C VAL A 161 -17.06 16.11 -14.76
N LYS A 162 -17.66 15.30 -15.64
CA LYS A 162 -18.57 14.29 -15.15
C LYS A 162 -18.35 12.95 -15.82
N LEU A 163 -18.44 11.93 -15.00
CA LEU A 163 -18.30 10.57 -15.43
C LEU A 163 -19.57 9.80 -15.03
N GLN A 164 -20.02 8.91 -15.89
CA GLN A 164 -21.09 7.94 -15.45
C GLN A 164 -20.80 6.62 -16.14
N GLY A 165 -21.23 5.50 -15.54
CA GLY A 165 -21.03 4.21 -16.13
C GLY A 165 -21.83 3.21 -15.37
N TYR A 166 -21.78 1.98 -15.90
CA TYR A 166 -22.22 0.83 -15.14
C TYR A 166 -21.36 -0.38 -15.50
N ASN A 167 -21.45 -1.38 -14.63
CA ASN A 167 -20.70 -2.61 -14.74
C ASN A 167 -21.46 -3.83 -14.32
N GLN A 168 -21.25 -4.89 -15.11
CA GLN A 168 -21.67 -6.21 -14.69
C GLN A 168 -20.75 -7.20 -15.40
N ILE A 169 -20.80 -8.46 -14.91
CA ILE A 169 -19.89 -9.49 -15.48
C ILE A 169 -20.60 -10.77 -15.80
N LYS A 170 -19.94 -11.57 -16.64
CA LYS A 170 -20.26 -13.00 -16.77
C LYS A 170 -18.96 -13.74 -16.52
N ALA A 171 -19.02 -14.78 -15.70
CA ALA A 171 -17.81 -15.48 -15.30
C ALA A 171 -17.98 -16.96 -15.54
N SER A 172 -16.88 -17.58 -15.89
CA SER A 172 -16.88 -19.02 -16.15
C SER A 172 -15.54 -19.63 -15.77
N PHE A 173 -15.56 -20.85 -15.18
CA PHE A 173 -14.32 -21.55 -14.86
C PHE A 173 -13.92 -22.50 -15.95
N THR A 174 -12.62 -22.58 -16.20
CA THR A 174 -12.09 -23.57 -17.08
C THR A 174 -11.83 -24.83 -16.26
N LYS A 175 -11.55 -25.93 -16.96
CA LYS A 175 -11.21 -27.25 -16.34
C LYS A 175 -10.07 -27.08 -15.33
N SER A 176 -9.10 -26.23 -15.64
CA SER A 176 -7.98 -25.91 -14.72
C SER A 176 -8.30 -24.84 -13.67
N LEU A 177 -9.53 -24.34 -13.65
CA LEU A 177 -9.98 -23.42 -12.57
C LEU A 177 -9.41 -22.03 -12.65
N MET A 178 -9.15 -21.63 -13.87
CA MET A 178 -9.02 -20.22 -14.17
C MET A 178 -10.43 -19.65 -14.25
N LEU A 179 -10.66 -18.48 -13.69
CA LEU A 179 -11.96 -17.83 -13.78
C LEU A 179 -11.91 -16.80 -14.90
N THR A 180 -12.61 -17.08 -16.00
CA THR A 180 -12.70 -16.16 -17.11
C THR A 180 -13.77 -15.16 -16.78
N VAL A 181 -13.46 -13.83 -16.88
CA VAL A 181 -14.44 -12.82 -16.59
C VAL A 181 -14.60 -11.89 -17.74
N LYS A 182 -15.81 -11.81 -18.27
CA LYS A 182 -16.10 -10.85 -19.30
C LYS A 182 -16.77 -9.66 -18.62
N GLN A 183 -16.23 -8.45 -18.78
CA GLN A 183 -16.98 -7.26 -18.31
C GLN A 183 -17.99 -6.82 -19.37
N PHE A 184 -19.07 -6.27 -18.88
CA PHE A 184 -20.14 -5.65 -19.65
C PHE A 184 -20.33 -4.24 -19.11
N GLY A 185 -20.87 -3.36 -19.94
CA GLY A 185 -21.04 -1.97 -19.61
C GLY A 185 -19.95 -1.09 -20.21
N HIS A 186 -20.07 0.21 -19.91
CA HIS A 186 -19.16 1.22 -20.39
C HIS A 186 -19.31 2.43 -19.47
N THR A 187 -18.36 3.33 -19.68
CA THR A 187 -18.20 4.55 -18.88
C THR A 187 -17.99 5.70 -19.83
N MET A 188 -18.75 6.79 -19.60
CA MET A 188 -18.64 8.07 -20.33
C MET A 188 -18.06 9.15 -19.46
N LEU A 189 -17.12 9.90 -20.03
CA LEU A 189 -16.46 11.02 -19.39
C LEU A 189 -16.70 12.26 -20.19
N ASP A 190 -17.35 13.22 -19.55
CA ASP A 190 -17.60 14.54 -20.20
C ASP A 190 -16.67 15.57 -19.60
N ILE A 191 -15.93 16.27 -20.47
CA ILE A 191 -14.93 17.31 -20.04
C ILE A 191 -15.48 18.57 -20.71
N LYS A 192 -16.22 19.39 -19.97
CA LYS A 192 -17.00 20.50 -20.55
C LYS A 192 -17.86 19.92 -21.66
N ASP A 193 -17.77 20.42 -22.87
CA ASP A 193 -18.62 19.88 -23.96
C ASP A 193 -18.01 18.73 -24.75
N GLU A 194 -16.88 18.19 -24.33
CA GLU A 194 -16.16 17.15 -25.08
C GLU A 194 -16.36 15.84 -24.35
N SER A 195 -16.67 14.79 -25.08
CA SER A 195 -16.93 13.50 -24.45
C SER A 195 -15.98 12.39 -24.85
N TYR A 196 -15.91 11.36 -23.98
CA TYR A 196 -15.04 10.22 -24.12
C TYR A 196 -15.81 8.98 -23.67
N LEU A 197 -15.76 7.92 -24.51
CA LEU A 197 -16.32 6.61 -24.19
C LEU A 197 -15.27 5.65 -23.91
N VAL A 198 -15.34 5.03 -22.72
CA VAL A 198 -14.36 4.09 -22.21
C VAL A 198 -14.97 2.70 -22.02
N THR A 199 -14.31 1.69 -22.57
CA THR A 199 -14.79 0.31 -22.41
C THR A 199 -13.79 -0.49 -21.57
N PRO A 200 -14.25 -1.18 -20.54
CA PRO A 200 -13.32 -1.94 -19.70
C PRO A 200 -12.92 -3.23 -20.36
N PRO A 201 -11.85 -3.81 -19.90
CA PRO A 201 -11.37 -5.00 -20.59
C PRO A 201 -11.84 -6.35 -20.00
N PRO A 202 -11.69 -7.43 -20.77
CA PRO A 202 -11.82 -8.76 -20.15
C PRO A 202 -10.62 -9.13 -19.28
N LEU A 203 -10.85 -10.13 -18.44
CA LEU A 203 -9.78 -10.57 -17.51
C LEU A 203 -9.93 -12.01 -17.09
N HIS A 204 -8.88 -12.55 -16.52
CA HIS A 204 -8.92 -13.86 -15.84
C HIS A 204 -8.51 -13.69 -14.42
N ILE A 205 -9.10 -14.48 -13.53
CA ILE A 205 -8.56 -14.63 -12.17
C ILE A 205 -7.69 -15.89 -12.21
N GLU A 206 -6.39 -15.70 -12.03
CA GLU A 206 -5.36 -16.75 -12.01
C GLU A 206 -5.07 -17.06 -10.56
N GLY A 207 -4.29 -18.10 -10.31
CA GLY A 207 -3.82 -18.40 -8.94
C GLY A 207 -4.80 -19.11 -8.00
N ILE A 208 -5.91 -19.54 -8.56
CA ILE A 208 -6.99 -20.14 -7.75
C ILE A 208 -6.50 -21.52 -7.12
N LEU A 209 -5.92 -22.34 -7.95
CA LEU A 209 -5.43 -23.63 -7.51
C LEU A 209 -4.54 -23.50 -6.32
N VAL A 210 -3.64 -22.48 -6.31
CA VAL A 210 -2.68 -22.30 -5.22
C VAL A 210 -3.19 -21.34 -4.17
N ALA A 211 -4.49 -21.01 -4.24
CA ALA A 211 -5.02 -20.14 -3.23
C ALA A 211 -4.27 -18.80 -3.05
N SER A 212 -3.87 -18.18 -4.15
CA SER A 212 -3.39 -16.80 -4.15
C SER A 212 -3.92 -16.10 -5.42
N PRO A 213 -5.24 -15.82 -5.43
CA PRO A 213 -5.86 -15.29 -6.61
C PRO A 213 -5.38 -13.89 -6.98
N PHE A 214 -5.32 -13.65 -8.29
CA PHE A 214 -5.02 -12.33 -8.78
C PHE A 214 -5.64 -12.10 -10.14
N VAL A 215 -5.85 -10.84 -10.44
CA VAL A 215 -6.36 -10.46 -11.76
C VAL A 215 -5.28 -10.31 -12.80
N GLU A 216 -5.57 -10.84 -13.98
CA GLU A 216 -4.74 -10.68 -15.15
C GLU A 216 -5.65 -10.15 -16.24
N LEU A 217 -5.35 -8.93 -16.66
CA LEU A 217 -6.14 -8.31 -17.77
C LEU A 217 -5.69 -8.92 -19.10
N GLU A 218 -6.60 -8.88 -20.06
CA GLU A 218 -6.26 -9.36 -21.40
C GLU A 218 -7.14 -8.50 -22.35
N GLY A 219 -7.07 -8.80 -23.62
CA GLY A 219 -7.92 -8.13 -24.55
C GLY A 219 -7.54 -6.63 -24.69
N LYS A 220 -8.57 -5.83 -24.92
CA LYS A 220 -8.47 -4.43 -25.27
C LYS A 220 -9.51 -3.58 -24.57
N SER A 221 -9.08 -2.37 -24.22
CA SER A 221 -10.01 -1.28 -23.86
C SER A 221 -9.90 -0.20 -24.94
N TYR A 222 -11.00 0.53 -25.12
CA TYR A 222 -11.08 1.69 -26.02
C TYR A 222 -11.42 2.95 -25.27
N ILE A 223 -10.90 4.05 -25.81
CA ILE A 223 -11.29 5.38 -25.39
C ILE A 223 -11.59 6.17 -26.70
N GLN A 224 -12.86 6.40 -26.98
CA GLN A 224 -13.27 7.07 -28.20
C GLN A 224 -13.72 8.45 -27.79
N SER A 225 -13.14 9.48 -28.36
CA SER A 225 -13.55 10.85 -28.11
C SER A 225 -14.51 11.42 -29.16
N SER A 226 -15.21 12.46 -28.76
CA SER A 226 -16.11 13.19 -29.67
C SER A 226 -15.32 14.00 -30.63
N THR A 227 -14.03 14.11 -30.40
CA THR A 227 -13.13 14.85 -31.28
C THR A 227 -12.64 13.96 -32.41
N GLY A 228 -13.07 12.69 -32.45
CA GLY A 228 -12.64 11.72 -33.41
C GLY A 228 -11.48 10.84 -32.96
N LEU A 229 -10.66 11.39 -32.06
CA LEU A 229 -9.49 10.68 -31.63
C LEU A 229 -9.84 9.37 -30.91
N LEU A 230 -8.97 8.37 -31.05
CA LEU A 230 -9.22 7.04 -30.48
C LEU A 230 -7.92 6.50 -29.84
N CYS A 231 -8.02 6.03 -28.61
CA CYS A 231 -6.98 5.23 -27.98
C CYS A 231 -7.43 3.79 -27.84
N VAL A 232 -6.56 2.90 -28.26
CA VAL A 232 -6.75 1.45 -28.13
C VAL A 232 -5.65 0.93 -27.21
N ILE A 233 -6.10 0.34 -26.09
CA ILE A 233 -5.23 -0.18 -25.07
C ILE A 233 -5.29 -1.69 -25.09
N GLU A 234 -4.14 -2.36 -25.30
CA GLU A 234 -4.06 -3.79 -25.37
C GLU A 234 -3.31 -4.27 -24.14
N PHE A 235 -3.89 -5.25 -23.42
CA PHE A 235 -3.34 -5.76 -22.20
C PHE A 235 -2.66 -7.10 -22.36
N SER A 236 -1.59 -7.28 -21.61
CA SER A 236 -0.81 -8.52 -21.70
C SER A 236 -0.17 -8.97 -20.33
N GLY A 237 -0.19 -10.28 -20.14
CA GLY A 237 0.45 -10.94 -19.02
C GLY A 237 1.82 -11.50 -19.40
N ARG A 238 2.36 -11.08 -20.55
CA ARG A 238 3.71 -11.56 -20.96
C ARG A 238 4.76 -11.42 -19.87
N GLY A 239 5.60 -12.44 -19.75
CA GLY A 239 6.67 -12.43 -18.81
C GLY A 239 6.41 -12.83 -17.37
N TYR A 240 5.35 -13.59 -17.12
CA TYR A 240 5.06 -14.09 -15.78
C TYR A 240 6.26 -15.03 -15.45
N PHE A 241 6.72 -15.40 -14.33
CA PHE A 241 7.97 -16.38 -14.57
C PHE A 241 9.18 -15.51 -14.53
N SER A 242 9.22 -14.39 -15.27
CA SER A 242 10.28 -13.39 -15.12
C SER A 242 9.87 -12.35 -14.06
N GLY A 243 8.64 -12.48 -13.55
CA GLY A 243 8.16 -11.48 -12.57
C GLY A 243 7.51 -10.25 -13.16
N LYS A 244 7.33 -10.23 -14.49
CA LYS A 244 6.61 -9.16 -15.18
C LYS A 244 5.11 -9.42 -15.04
N LYS A 245 4.34 -8.33 -15.05
CA LYS A 245 2.87 -8.45 -15.04
C LYS A 245 2.34 -7.10 -15.42
N ASN A 246 1.06 -7.07 -15.73
CA ASN A 246 0.32 -5.84 -15.88
C ASN A 246 0.82 -4.98 -17.00
N SER A 247 1.22 -5.61 -18.10
CA SER A 247 1.75 -4.82 -19.17
C SER A 247 0.65 -4.35 -20.14
N PHE A 248 0.94 -3.29 -20.89
CA PHE A 248 -0.02 -2.81 -21.88
C PHE A 248 0.72 -2.06 -22.95
N LYS A 249 -0.01 -1.84 -24.03
CA LYS A 249 0.41 -0.98 -25.11
C LYS A 249 -0.79 -0.18 -25.49
N ALA A 250 -0.64 1.14 -25.50
CA ALA A 250 -1.74 1.97 -25.92
C ALA A 250 -1.36 2.79 -27.13
N ARG A 251 -2.28 2.88 -28.11
CA ARG A 251 -1.97 3.67 -29.29
C ARG A 251 -3.13 4.60 -29.54
N ILE A 252 -2.79 5.85 -29.85
CA ILE A 252 -3.76 6.93 -30.15
C ILE A 252 -3.77 7.17 -31.67
N TYR A 253 -4.98 7.16 -32.22
CA TYR A 253 -5.18 7.36 -33.66
C TYR A 253 -6.05 8.55 -33.93
N LYS A 254 -5.84 9.18 -35.09
CA LYS A 254 -6.74 10.27 -35.55
C LYS A 254 -8.19 9.95 -35.59
N ASP A 255 -8.51 8.72 -35.99
CA ASP A 255 -9.91 8.28 -35.98
C ASP A 255 -9.91 6.75 -35.98
N SER A 256 -11.08 6.14 -35.85
CA SER A 256 -11.16 4.66 -35.79
C SER A 256 -10.71 3.93 -37.04
N LYS A 257 -10.96 4.48 -38.24
CA LYS A 257 -10.43 3.89 -39.48
C LYS A 257 -8.90 3.77 -39.47
N ASP A 258 -8.20 4.78 -38.94
CA ASP A 258 -6.73 4.72 -38.89
C ASP A 258 -6.26 3.64 -37.97
N SER A 259 -7.09 3.27 -36.98
CA SER A 259 -6.74 2.31 -35.96
C SER A 259 -6.58 0.89 -36.50
N LYS A 260 -7.01 0.69 -37.75
CA LYS A 260 -6.88 -0.57 -38.44
C LYS A 260 -5.42 -0.80 -38.80
N ASP A 261 -4.60 0.26 -38.71
CA ASP A 261 -3.20 0.22 -39.08
C ASP A 261 -2.29 0.84 -38.02
N LYS A 262 -1.61 -0.02 -37.27
CA LYS A 262 -0.71 0.35 -36.14
C LYS A 262 0.38 1.38 -36.50
N GLU A 263 0.81 1.37 -37.76
CA GLU A 263 1.75 2.36 -38.26
C GLU A 263 1.19 3.79 -38.27
N LYS A 264 -0.13 3.93 -38.31
CA LYS A 264 -0.80 5.26 -38.28
C LYS A 264 -0.91 5.83 -36.82
N ALA A 265 -0.41 5.11 -35.84
CA ALA A 265 -0.47 5.62 -34.46
C ALA A 265 0.29 6.91 -34.29
N LEU A 266 -0.40 7.88 -33.73
CA LEU A 266 0.16 9.20 -33.42
C LEU A 266 1.19 9.11 -32.27
N TYR A 267 0.86 8.27 -31.30
CA TYR A 267 1.73 7.96 -30.20
C TYR A 267 1.55 6.52 -29.82
N THR A 268 2.60 5.94 -29.25
CA THR A 268 2.58 4.59 -28.73
C THR A 268 3.14 4.55 -27.29
N ILE A 269 2.30 4.04 -26.37
CA ILE A 269 2.59 3.99 -24.95
C ILE A 269 2.72 2.54 -24.55
N SER A 270 3.80 2.22 -23.84
CA SER A 270 4.05 0.85 -23.46
C SER A 270 4.75 0.74 -22.08
N GLY A 271 4.38 -0.30 -21.35
CA GLY A 271 4.93 -0.52 -20.02
C GLY A 271 3.96 -1.30 -19.17
N GLN A 272 4.03 -1.04 -17.86
CA GLN A 272 3.25 -1.70 -16.84
C GLN A 272 2.33 -0.63 -16.23
N TRP A 273 1.05 -0.93 -16.24
CA TRP A 273 0.10 0.02 -15.68
C TRP A 273 0.15 0.06 -14.15
N SER A 274 0.74 -0.94 -13.51
CA SER A 274 0.98 -0.91 -12.03
C SER A 274 2.39 -0.36 -11.73
N GLY A 275 3.11 0.04 -12.77
CA GLY A 275 4.50 0.51 -12.66
C GLY A 275 4.74 1.68 -13.61
N SER A 276 5.80 1.58 -14.39
CA SER A 276 6.17 2.63 -15.32
C SER A 276 5.86 2.27 -16.80
N SER A 277 5.49 3.31 -17.51
CA SER A 277 5.30 3.27 -18.93
C SER A 277 5.91 4.47 -19.62
N LYS A 278 6.36 4.23 -20.84
CA LYS A 278 6.96 5.27 -21.69
C LYS A 278 6.13 5.51 -22.92
N ILE A 279 6.32 6.68 -23.54
CA ILE A 279 5.57 7.11 -24.72
C ILE A 279 6.59 7.48 -25.82
N ILE A 280 6.28 7.07 -27.03
CA ILE A 280 7.03 7.46 -28.24
C ILE A 280 6.05 8.14 -29.19
N LYS A 281 6.45 9.23 -29.80
CA LYS A 281 5.58 9.94 -30.73
C LYS A 281 5.95 9.44 -32.14
N ALA A 282 4.95 9.23 -33.00
CA ALA A 282 5.24 8.78 -34.37
C ALA A 282 5.95 7.40 -34.37
N ASN A 283 6.94 7.17 -35.26
CA ASN A 283 7.89 6.06 -34.95
C ASN A 283 9.31 6.53 -34.55
N LYS A 284 9.43 7.71 -33.92
CA LYS A 284 10.71 8.16 -33.34
C LYS A 284 11.00 7.26 -32.14
N LYS A 285 11.19 5.97 -32.43
CA LYS A 285 11.20 4.93 -31.40
C LYS A 285 12.52 4.91 -30.64
N GLU A 286 13.54 5.53 -31.21
CA GLU A 286 14.82 5.68 -30.53
C GLU A 286 14.69 6.74 -29.44
N GLU A 287 13.56 7.46 -29.34
CA GLU A 287 13.38 8.27 -28.14
C GLU A 287 11.97 8.29 -27.53
N SER A 288 12.00 8.12 -26.24
CA SER A 288 10.79 7.98 -25.43
C SER A 288 10.91 8.84 -24.23
N ARG A 289 9.80 9.03 -23.55
CA ARG A 289 9.79 9.79 -22.36
C ARG A 289 8.89 8.98 -21.42
N LEU A 290 9.05 9.26 -20.13
CA LEU A 290 8.14 8.64 -19.15
C LEU A 290 6.75 9.21 -19.30
N PHE A 291 5.75 8.31 -19.42
CA PHE A 291 4.37 8.65 -19.50
C PHE A 291 3.67 8.63 -18.15
N TYR A 292 3.84 7.53 -17.42
CA TYR A 292 3.16 7.40 -16.08
C TYR A 292 3.95 6.40 -15.24
N ASP A 293 4.13 6.70 -13.94
CA ASP A 293 4.77 5.76 -13.03
C ASP A 293 3.85 5.68 -11.78
N ALA A 294 3.12 4.58 -11.69
CA ALA A 294 2.10 4.43 -10.72
C ALA A 294 2.68 4.40 -9.30
N ALA A 295 3.95 4.05 -9.21
CA ALA A 295 4.69 4.04 -7.93
C ALA A 295 4.83 5.41 -7.27
N ARG A 296 4.81 6.52 -8.01
CA ARG A 296 5.13 7.83 -7.47
C ARG A 296 4.06 8.62 -6.88
N ILE A 297 2.78 8.35 -7.26
CA ILE A 297 1.66 9.12 -6.67
C ILE A 297 0.69 8.14 -5.99
N PRO A 298 0.68 8.10 -4.68
CA PRO A 298 -0.25 7.18 -4.01
C PRO A 298 -1.71 7.50 -4.27
N ALA A 299 -2.57 6.46 -4.32
CA ALA A 299 -4.03 6.68 -4.51
C ALA A 299 -4.53 7.53 -3.40
N GLU A 300 -5.53 8.34 -3.68
CA GLU A 300 -6.21 9.12 -2.67
C GLU A 300 -7.62 8.62 -2.52
N HIS A 301 -7.92 8.21 -1.30
CA HIS A 301 -9.20 7.58 -1.03
C HIS A 301 -10.24 8.64 -0.78
N LEU A 302 -11.44 8.40 -1.26
CA LEU A 302 -12.47 9.43 -1.00
C LEU A 302 -12.87 9.53 0.48
N ASN A 303 -13.43 10.65 0.85
CA ASN A 303 -14.00 10.83 2.23
C ASN A 303 -15.36 10.14 2.25
N VAL A 304 -15.53 9.24 3.22
CA VAL A 304 -16.81 8.67 3.53
C VAL A 304 -17.24 9.09 4.95
N LYS A 305 -18.52 9.44 5.08
CA LYS A 305 -19.03 9.84 6.42
C LYS A 305 -18.85 8.75 7.47
N PRO A 306 -18.74 9.13 8.75
CA PRO A 306 -18.60 8.17 9.82
C PRO A 306 -19.71 7.15 9.79
N LEU A 307 -19.42 5.90 10.13
CA LEU A 307 -20.44 4.84 10.19
C LEU A 307 -21.74 5.20 10.93
N GLU A 308 -21.58 5.90 12.03
CA GLU A 308 -22.74 6.22 12.86
C GLU A 308 -23.59 7.28 12.21
N GLU A 309 -23.15 7.91 11.12
CA GLU A 309 -23.96 8.89 10.41
C GLU A 309 -24.53 8.36 9.13
N GLN A 310 -24.20 7.12 8.79
CA GLN A 310 -24.72 6.54 7.55
C GLN A 310 -26.15 6.10 7.61
N HIS A 311 -26.84 6.30 6.48
CA HIS A 311 -28.16 5.69 6.26
C HIS A 311 -28.08 4.19 6.10
N PRO A 312 -29.14 3.45 6.47
CA PRO A 312 -28.94 1.98 6.51
C PRO A 312 -28.89 1.33 5.14
N LEU A 313 -29.11 2.12 4.09
CA LEU A 313 -28.89 1.72 2.70
C LEU A 313 -27.46 1.85 2.31
N GLU A 314 -26.65 2.59 3.05
CA GLU A 314 -25.24 2.79 2.68
C GLU A 314 -24.38 1.60 2.99
N SER A 315 -23.54 1.26 2.03
CA SER A 315 -22.85 -0.02 2.07
C SER A 315 -22.13 -0.38 3.37
N ARG A 316 -21.28 0.51 3.87
CA ARG A 316 -20.45 0.13 4.99
C ARG A 316 -21.30 -0.09 6.24
N LYS A 317 -22.30 0.75 6.45
CA LYS A 317 -23.20 0.54 7.58
C LYS A 317 -24.01 -0.73 7.45
N ALA A 318 -24.55 -0.96 6.25
CA ALA A 318 -25.36 -2.11 5.96
C ALA A 318 -24.68 -3.46 6.19
N TRP A 319 -23.41 -3.55 5.79
CA TRP A 319 -22.61 -4.74 5.82
C TRP A 319 -21.75 -4.84 7.09
N TYR A 320 -21.87 -3.89 8.01
CA TYR A 320 -20.95 -3.81 9.13
C TYR A 320 -20.82 -5.12 9.94
N ASP A 321 -21.94 -5.72 10.27
CA ASP A 321 -21.88 -6.95 11.08
C ASP A 321 -21.23 -8.11 10.33
N VAL A 322 -21.55 -8.19 9.02
CA VAL A 322 -20.99 -9.24 8.15
C VAL A 322 -19.49 -9.03 8.02
N ALA A 323 -19.09 -7.79 7.75
CA ALA A 323 -17.67 -7.42 7.70
C ALA A 323 -16.89 -7.80 8.99
N GLY A 324 -17.46 -7.52 10.14
CA GLY A 324 -16.79 -7.90 11.40
C GLY A 324 -16.66 -9.40 11.52
N ALA A 325 -17.70 -10.12 11.13
CA ALA A 325 -17.64 -11.58 11.21
C ALA A 325 -16.50 -12.12 10.27
N ILE A 326 -16.41 -11.58 9.07
CA ILE A 326 -15.35 -11.98 8.13
C ILE A 326 -13.97 -11.69 8.71
N LYS A 327 -13.78 -10.55 9.38
CA LYS A 327 -12.43 -10.18 9.92
C LYS A 327 -12.06 -11.16 11.02
N LEU A 328 -13.06 -11.76 11.67
CA LEU A 328 -12.84 -12.73 12.75
C LEU A 328 -12.65 -14.11 12.20
N GLY A 329 -12.95 -14.26 10.91
CA GLY A 329 -12.96 -15.58 10.26
C GLY A 329 -14.06 -16.50 10.75
N ASP A 330 -15.15 -15.97 11.27
CA ASP A 330 -16.12 -16.87 11.99
C ASP A 330 -17.23 -17.34 11.10
N PHE A 331 -17.17 -18.59 10.65
CA PHE A 331 -18.09 -19.11 9.63
C PHE A 331 -19.59 -19.00 9.95
N ASN A 332 -19.93 -19.35 11.17
CA ASN A 332 -21.33 -19.38 11.50
C ASN A 332 -21.84 -17.96 11.65
N LEU A 333 -21.02 -17.09 12.19
CA LEU A 333 -21.44 -15.69 12.39
C LEU A 333 -21.56 -14.95 11.04
N ILE A 334 -20.74 -15.36 10.07
CA ILE A 334 -20.87 -14.82 8.73
C ILE A 334 -22.24 -15.18 8.17
N ALA A 335 -22.65 -16.44 8.25
CA ALA A 335 -23.94 -16.83 7.66
C ALA A 335 -25.08 -16.21 8.41
N LYS A 336 -24.94 -16.09 9.72
CA LYS A 336 -26.01 -15.52 10.56
C LYS A 336 -26.18 -14.00 10.31
N THR A 337 -25.07 -13.29 10.18
CA THR A 337 -25.16 -11.84 9.95
C THR A 337 -25.69 -11.56 8.52
N LYS A 338 -25.43 -12.46 7.57
CA LYS A 338 -25.98 -12.31 6.23
C LYS A 338 -27.48 -12.46 6.21
N THR A 339 -27.94 -13.44 6.94
CA THR A 339 -29.36 -13.68 7.08
C THR A 339 -30.03 -12.46 7.75
N GLU A 340 -29.37 -11.88 8.73
CA GLU A 340 -29.86 -10.66 9.37
C GLU A 340 -29.95 -9.47 8.40
N LEU A 341 -28.92 -9.31 7.56
CA LEU A 341 -28.90 -8.24 6.54
C LEU A 341 -30.09 -8.39 5.63
N GLU A 342 -30.45 -9.61 5.22
CA GLU A 342 -31.55 -9.74 4.27
C GLU A 342 -32.84 -9.33 4.90
N GLU A 343 -32.98 -9.66 6.20
CA GLU A 343 -34.16 -9.23 7.01
C GLU A 343 -34.17 -7.71 7.15
N THR A 344 -33.02 -7.11 7.50
CA THR A 344 -32.96 -5.66 7.64
C THR A 344 -33.38 -4.97 6.35
N GLN A 345 -32.83 -5.43 5.20
CA GLN A 345 -33.13 -4.72 3.98
C GLN A 345 -34.55 -4.93 3.46
N ARG A 346 -35.09 -6.12 3.71
CA ARG A 346 -36.48 -6.38 3.37
C ARG A 346 -37.40 -5.38 4.08
N GLU A 347 -37.19 -5.20 5.38
CA GLU A 347 -38.03 -4.22 6.11
C GLU A 347 -37.77 -2.78 5.69
N LEU A 348 -36.49 -2.48 5.42
CA LEU A 348 -36.12 -1.11 5.02
C LEU A 348 -36.83 -0.71 3.71
N ARG A 349 -36.86 -1.61 2.73
CA ARG A 349 -37.54 -1.36 1.47
C ARG A 349 -39.01 -1.00 1.68
N LYS A 350 -39.66 -1.69 2.59
CA LYS A 350 -41.11 -1.41 2.86
C LYS A 350 -41.27 -0.01 3.37
N GLU A 351 -40.36 0.44 4.23
CA GLU A 351 -40.35 1.83 4.73
C GLU A 351 -40.10 2.86 3.63
N GLU A 352 -39.10 2.61 2.79
CA GLU A 352 -38.87 3.43 1.66
C GLU A 352 -40.14 3.59 0.80
N GLU A 353 -40.80 2.48 0.52
CA GLU A 353 -42.00 2.52 -0.32
C GLU A 353 -43.11 3.29 0.38
N ALA A 354 -43.31 3.03 1.64
CA ALA A 354 -44.34 3.79 2.42
C ALA A 354 -44.21 5.31 2.37
N LYS A 355 -42.97 5.76 2.20
CA LYS A 355 -42.67 7.17 2.13
C LYS A 355 -42.58 7.66 0.70
N GLY A 356 -42.96 6.85 -0.30
CA GLY A 356 -42.92 7.31 -1.68
C GLY A 356 -41.53 7.48 -2.26
N ILE A 357 -40.56 6.75 -1.72
CA ILE A 357 -39.18 6.90 -2.11
C ILE A 357 -38.84 5.76 -3.01
N SER A 358 -38.56 6.13 -4.23
CA SER A 358 -38.07 5.18 -5.21
C SER A 358 -36.70 4.75 -4.68
N TRP A 359 -36.55 3.48 -4.42
CA TRP A 359 -35.25 2.95 -3.90
C TRP A 359 -34.56 2.04 -4.96
N GLN A 360 -35.33 1.42 -5.86
CA GLN A 360 -34.67 0.48 -6.81
C GLN A 360 -33.94 1.09 -7.94
N ARG A 361 -34.48 2.22 -8.42
CA ARG A 361 -33.94 3.07 -9.51
C ARG A 361 -33.80 4.50 -8.98
N ARG A 362 -32.85 4.67 -8.09
CA ARG A 362 -32.82 5.84 -7.24
C ARG A 362 -32.24 7.02 -7.95
N TRP A 363 -31.05 6.83 -8.50
CA TRP A 363 -30.33 7.89 -9.21
C TRP A 363 -30.04 7.52 -10.67
N PHE A 364 -30.39 6.30 -11.08
CA PHE A 364 -30.11 5.83 -12.41
C PHE A 364 -31.34 5.14 -12.93
N LYS A 365 -31.50 5.24 -14.23
CA LYS A 365 -32.58 4.61 -14.93
C LYS A 365 -32.03 3.86 -16.12
N ASP A 366 -32.78 2.82 -16.52
CA ASP A 366 -32.42 1.93 -17.61
C ASP A 366 -33.11 2.36 -18.87
N PHE A 367 -32.35 2.52 -19.94
CA PHE A 367 -32.84 3.00 -21.24
C PHE A 367 -32.67 1.97 -22.30
N ASP A 368 -33.70 1.74 -23.13
CA ASP A 368 -33.59 0.69 -24.17
C ASP A 368 -33.13 1.33 -25.51
N TYR A 369 -31.97 0.89 -25.97
CA TYR A 369 -31.32 1.36 -27.16
C TYR A 369 -31.59 0.52 -28.34
N SER A 370 -32.48 -0.48 -28.23
CA SER A 370 -32.80 -1.29 -29.41
C SER A 370 -33.58 -0.46 -30.42
N VAL A 371 -33.45 -0.84 -31.68
CA VAL A 371 -34.20 -0.16 -32.74
C VAL A 371 -35.71 -0.20 -32.44
N THR A 372 -36.20 -1.37 -32.04
CA THR A 372 -37.57 -1.55 -31.61
C THR A 372 -37.62 -1.75 -30.12
N PRO A 373 -37.85 -0.68 -29.34
CA PRO A 373 -37.78 -0.77 -27.91
C PRO A 373 -38.97 -1.46 -27.32
N GLU A 374 -38.76 -2.06 -26.15
CA GLU A 374 -39.92 -2.70 -25.48
C GLU A 374 -40.97 -1.59 -25.22
N GLU A 375 -42.28 -1.92 -25.44
CA GLU A 375 -43.33 -0.97 -25.13
C GLU A 375 -43.17 -0.55 -23.68
N GLY A 376 -43.33 0.76 -23.47
CA GLY A 376 -43.21 1.40 -22.14
C GLY A 376 -41.78 1.71 -21.65
N ALA A 377 -40.74 1.27 -22.38
CA ALA A 377 -39.34 1.52 -21.97
C ALA A 377 -39.00 2.98 -22.12
N LEU A 378 -38.02 3.46 -21.35
CA LEU A 378 -37.42 4.76 -21.63
C LEU A 378 -36.48 4.63 -22.82
N VAL A 379 -36.43 5.65 -23.66
CA VAL A 379 -35.60 5.60 -24.86
C VAL A 379 -34.63 6.77 -24.91
N PRO A 380 -33.52 6.61 -25.62
CA PRO A 380 -32.56 7.72 -25.62
C PRO A 380 -33.05 9.00 -26.28
N GLU A 381 -32.46 10.10 -25.88
CA GLU A 381 -32.80 11.44 -26.37
C GLU A 381 -32.14 11.59 -27.70
N LYS A 382 -32.59 12.63 -28.42
CA LYS A 382 -32.16 12.91 -29.81
C LYS A 382 -30.65 12.75 -30.16
N ASP A 383 -29.81 13.54 -29.53
CA ASP A 383 -28.39 13.55 -29.91
C ASP A 383 -27.56 12.83 -28.82
N ASP A 384 -28.00 11.62 -28.50
CA ASP A 384 -27.42 10.86 -27.39
C ASP A 384 -25.92 10.67 -27.63
N THR A 385 -25.16 10.92 -26.58
CA THR A 385 -23.67 10.80 -26.60
C THR A 385 -23.14 9.43 -26.86
N PHE A 386 -23.68 8.43 -26.19
CA PHE A 386 -23.28 7.04 -26.37
C PHE A 386 -23.46 6.62 -27.82
N LEU A 387 -24.63 6.93 -28.39
CA LEU A 387 -24.89 6.53 -29.78
C LEU A 387 -23.87 7.15 -30.73
N LYS A 388 -23.52 8.38 -30.50
CA LYS A 388 -22.59 9.10 -31.38
C LYS A 388 -21.18 8.54 -31.27
N LEU A 389 -20.76 8.32 -30.01
CA LEU A 389 -19.41 7.82 -29.81
C LEU A 389 -19.31 6.34 -30.18
N ALA A 390 -20.34 5.54 -29.93
CA ALA A 390 -20.33 4.15 -30.42
C ALA A 390 -20.27 4.09 -31.93
N SER A 391 -20.99 5.00 -32.56
CA SER A 391 -20.95 5.05 -34.03
C SER A 391 -19.55 5.38 -34.53
N ALA A 392 -18.88 6.33 -33.90
CA ALA A 392 -17.49 6.65 -34.30
C ALA A 392 -16.48 5.46 -34.13
N LEU A 393 -16.69 4.69 -33.06
CA LEU A 393 -15.90 3.50 -32.76
C LEU A 393 -16.30 2.19 -33.52
N ASN A 394 -17.46 2.22 -34.15
CA ASN A 394 -18.10 1.06 -34.69
C ASN A 394 -18.34 0.00 -33.59
N LEU A 395 -18.74 0.50 -32.42
CA LEU A 395 -18.98 -0.33 -31.27
C LEU A 395 -20.45 -0.79 -31.32
N SER A 396 -20.66 -2.07 -31.01
CA SER A 396 -21.98 -2.59 -30.76
C SER A 396 -22.69 -1.84 -29.65
N THR A 397 -23.92 -1.45 -29.89
CA THR A 397 -24.72 -0.79 -28.85
C THR A 397 -25.57 -1.80 -28.03
N LYS A 398 -25.35 -3.07 -28.27
CA LYS A 398 -26.06 -4.15 -27.58
C LYS A 398 -25.42 -4.47 -26.25
N ASN A 399 -26.11 -5.33 -25.50
CA ASN A 399 -25.54 -5.93 -24.27
C ASN A 399 -24.51 -7.02 -24.44
N ALA A 400 -23.55 -6.76 -25.32
CA ALA A 400 -22.42 -7.67 -25.61
C ALA A 400 -21.29 -7.30 -24.66
N PRO A 401 -20.32 -8.20 -24.49
CA PRO A 401 -19.21 -7.84 -23.62
C PRO A 401 -18.62 -6.44 -24.04
N SER A 402 -18.11 -5.73 -23.05
CA SER A 402 -17.55 -4.41 -23.28
C SER A 402 -16.55 -4.52 -24.43
N GLY A 403 -16.68 -3.58 -25.36
CA GLY A 403 -15.70 -3.42 -26.43
C GLY A 403 -16.07 -4.19 -27.70
N THR A 404 -17.14 -4.94 -27.65
CA THR A 404 -17.58 -5.70 -28.82
C THR A 404 -17.85 -4.71 -29.96
N LEU A 405 -17.36 -5.03 -31.18
CA LEU A 405 -17.64 -4.21 -32.35
C LEU A 405 -18.81 -4.72 -33.19
N VAL A 406 -19.44 -3.82 -33.91
CA VAL A 406 -20.55 -4.22 -34.76
C VAL A 406 -20.06 -5.35 -35.68
N GLY A 407 -20.86 -6.42 -35.74
CA GLY A 407 -20.51 -7.52 -36.62
C GLY A 407 -19.71 -8.63 -35.98
N ASP A 408 -19.07 -8.36 -34.83
CA ASP A 408 -18.43 -9.43 -34.07
C ASP A 408 -19.39 -10.56 -33.68
N LYS A 409 -18.82 -11.70 -33.39
CA LYS A 409 -19.64 -12.86 -33.00
C LYS A 409 -20.61 -12.57 -31.86
N GLU A 410 -20.13 -11.83 -30.84
CA GLU A 410 -21.00 -11.52 -29.73
C GLU A 410 -22.12 -10.52 -30.02
N ASP A 411 -21.94 -9.72 -31.05
CA ASP A 411 -22.93 -8.77 -31.54
C ASP A 411 -24.11 -9.51 -32.23
N ARG A 412 -23.84 -10.72 -32.68
CA ARG A 412 -24.80 -11.51 -33.39
C ARG A 412 -25.59 -12.47 -32.53
N LYS A 413 -25.33 -12.53 -31.22
CA LYS A 413 -26.05 -13.47 -30.34
C LYS A 413 -27.55 -13.23 -30.46
N GLU A 414 -28.34 -14.28 -30.58
CA GLU A 414 -29.74 -14.02 -30.86
C GLU A 414 -30.52 -13.46 -29.67
N ASP A 415 -31.41 -12.53 -29.96
CA ASP A 415 -32.30 -12.08 -28.91
C ASP A 415 -31.63 -11.09 -27.97
N LEU A 416 -30.35 -10.77 -28.18
CA LEU A 416 -29.59 -9.88 -27.28
C LEU A 416 -30.25 -8.48 -27.12
N SER A 417 -30.37 -8.03 -25.87
CA SER A 417 -30.98 -6.76 -25.55
C SER A 417 -29.90 -5.62 -25.71
N SER A 418 -30.37 -4.37 -25.56
CA SER A 418 -29.54 -3.13 -25.63
C SER A 418 -29.99 -2.15 -24.53
N ILE A 419 -30.06 -2.61 -23.29
CA ILE A 419 -30.54 -1.76 -22.15
C ILE A 419 -29.28 -1.24 -21.41
N HIS A 420 -29.22 0.07 -21.24
CA HIS A 420 -28.01 0.68 -20.61
C HIS A 420 -28.47 1.63 -19.53
N TRP A 421 -27.76 1.57 -18.40
CA TRP A 421 -28.08 2.42 -17.23
C TRP A 421 -27.43 3.84 -17.42
N ARG A 422 -28.22 4.86 -17.07
CA ARG A 422 -27.83 6.27 -17.19
C ARG A 422 -28.14 7.04 -15.91
N PHE A 423 -27.16 7.85 -15.49
CA PHE A 423 -27.35 8.74 -14.40
C PHE A 423 -28.39 9.78 -14.66
N GLN A 424 -29.16 10.15 -13.61
CA GLN A 424 -30.13 11.24 -13.72
C GLN A 424 -29.86 12.22 -12.61
N ARG A 425 -29.11 13.28 -12.93
CA ARG A 425 -28.61 14.21 -11.95
C ARG A 425 -29.73 14.82 -11.16
N GLU A 426 -30.86 15.03 -11.79
CA GLU A 426 -32.01 15.67 -11.09
C GLU A 426 -32.50 14.82 -9.92
N LEU A 427 -32.31 13.51 -10.04
CA LEU A 427 -32.71 12.57 -9.00
C LEU A 427 -31.81 12.67 -7.77
N TRP A 428 -30.54 12.99 -7.97
CA TRP A 428 -29.67 13.26 -6.85
C TRP A 428 -29.96 14.65 -6.25
N ASP A 429 -30.20 15.62 -7.11
CA ASP A 429 -30.52 16.97 -6.64
C ASP A 429 -31.78 16.95 -5.74
N GLU A 430 -32.71 16.08 -6.01
CA GLU A 430 -33.98 15.92 -5.32
C GLU A 430 -34.00 14.78 -4.30
N GLU A 431 -32.83 14.26 -3.96
CA GLU A 431 -32.69 13.11 -3.11
C GLU A 431 -33.35 13.45 -1.75
N LYS A 432 -34.07 12.49 -1.23
CA LYS A 432 -34.90 12.63 0.00
C LYS A 432 -34.20 12.34 1.31
N GLU A 433 -33.10 11.58 1.29
CA GLU A 433 -32.49 11.01 2.50
C GLU A 433 -31.00 11.09 2.59
N ILE A 434 -30.35 10.72 1.51
CA ILE A 434 -28.91 10.55 1.58
C ILE A 434 -28.19 11.88 1.40
N VAL A 435 -27.11 12.03 2.19
CA VAL A 435 -26.21 13.14 2.09
C VAL A 435 -24.76 12.65 2.05
N LEU A 436 -23.84 13.60 1.89
CA LEU A 436 -22.42 13.28 1.85
C LEU A 436 -21.77 13.69 3.18
N MET B 1 4.41 20.07 -8.85
CA MET B 1 4.83 19.55 -10.16
C MET B 1 4.64 18.02 -10.18
N ASP B 2 4.59 17.42 -11.36
CA ASP B 2 4.55 16.01 -11.54
C ASP B 2 5.95 15.47 -11.22
N PRO B 3 6.04 14.26 -10.62
CA PRO B 3 7.37 13.68 -10.40
C PRO B 3 8.20 13.51 -11.62
N SER B 4 7.59 13.39 -12.82
CA SER B 4 8.40 13.34 -14.04
C SER B 4 9.13 14.64 -14.29
N GLN B 5 8.74 15.72 -13.65
CA GLN B 5 9.44 17.01 -13.82
C GLN B 5 10.49 17.24 -12.73
N TYR B 6 10.54 16.42 -11.66
CA TYR B 6 11.44 16.76 -10.57
C TYR B 6 12.91 16.86 -11.03
N ALA B 7 13.40 15.86 -11.78
CA ALA B 7 14.84 15.71 -11.93
C ALA B 7 15.43 16.84 -12.70
N SER B 8 14.72 17.36 -13.68
CA SER B 8 15.21 18.46 -14.52
C SER B 8 14.81 19.83 -14.04
N SER B 9 14.07 19.91 -12.95
CA SER B 9 13.65 21.21 -12.38
C SER B 9 14.80 22.09 -11.92
N SER B 10 14.55 23.40 -11.91
CA SER B 10 15.52 24.30 -11.30
C SER B 10 15.84 23.92 -9.84
N SER B 11 14.77 23.61 -9.09
CA SER B 11 14.90 23.24 -7.67
C SER B 11 15.78 22.05 -7.45
N TRP B 12 15.55 21.02 -8.25
CA TRP B 12 16.42 19.81 -8.13
C TRP B 12 17.86 20.06 -8.56
N THR B 13 18.05 20.80 -9.65
CA THR B 13 19.38 21.08 -10.13
C THR B 13 20.15 21.83 -9.06
N SER B 14 19.48 22.80 -8.44
CA SER B 14 20.08 23.55 -7.34
C SER B 14 20.44 22.67 -6.17
N PHE B 15 19.53 21.74 -5.88
CA PHE B 15 19.75 20.82 -4.76
C PHE B 15 20.96 19.94 -5.02
N LEU B 16 21.07 19.43 -6.25
CA LEU B 16 22.19 18.55 -6.59
C LEU B 16 23.51 19.27 -6.48
N LYS B 17 23.51 20.53 -6.92
CA LYS B 17 24.72 21.35 -6.74
C LYS B 17 25.09 21.51 -5.28
N SER B 18 24.09 21.64 -4.39
CA SER B 18 24.35 21.81 -2.94
C SER B 18 24.88 20.58 -2.29
N ILE B 19 24.64 19.43 -2.90
CA ILE B 19 25.26 18.22 -2.33
C ILE B 19 26.51 17.79 -3.01
N ALA B 20 26.83 18.41 -4.15
CA ALA B 20 28.00 18.00 -4.90
C ALA B 20 29.29 18.16 -4.10
N SER B 21 29.36 19.15 -3.23
CA SER B 21 30.53 19.19 -2.32
C SER B 21 29.95 19.52 -0.94
N PHE B 22 29.15 18.58 -0.43
CA PHE B 22 28.38 18.88 0.73
C PHE B 22 29.32 18.92 1.93
N ASN B 23 29.06 19.80 2.88
CA ASN B 23 29.77 19.78 4.16
C ASN B 23 28.87 20.30 5.28
N GLY B 24 28.81 19.57 6.40
CA GLY B 24 28.01 20.00 7.52
C GLY B 24 26.94 18.99 7.83
N ASP B 25 25.79 19.51 8.22
CA ASP B 25 24.72 18.74 8.77
C ASP B 25 23.62 18.49 7.76
N LEU B 26 23.53 17.23 7.36
CA LEU B 26 22.57 16.81 6.32
C LEU B 26 21.15 17.08 6.75
N SER B 27 20.89 16.96 8.07
CA SER B 27 19.54 17.24 8.54
C SER B 27 19.17 18.68 8.38
N SER B 28 20.14 19.59 8.31
CA SER B 28 19.84 20.98 8.26
C SER B 28 20.07 21.63 6.86
N LEU B 29 20.21 20.78 5.80
CA LEU B 29 20.38 21.23 4.44
C LEU B 29 18.99 21.46 3.82
N SER B 30 18.77 22.61 3.19
CA SER B 30 17.46 22.93 2.64
C SER B 30 17.21 21.99 1.46
N ALA B 31 15.99 21.54 1.30
CA ALA B 31 15.69 20.72 0.14
C ALA B 31 14.35 21.16 -0.40
N PRO B 32 14.08 20.90 -1.67
CA PRO B 32 12.79 21.27 -2.24
C PRO B 32 11.64 20.61 -1.48
N PRO B 33 10.51 21.31 -1.35
CA PRO B 33 9.47 20.69 -0.50
C PRO B 33 8.98 19.35 -1.02
N PHE B 34 9.05 19.12 -2.33
CA PHE B 34 8.64 17.84 -2.86
C PHE B 34 9.45 16.65 -2.34
N ILE B 35 10.64 16.87 -1.79
CA ILE B 35 11.45 15.77 -1.34
C ILE B 35 11.48 15.68 0.17
N LEU B 36 10.63 16.48 0.83
CA LEU B 36 10.44 16.47 2.28
C LEU B 36 9.33 15.54 2.74
N SER B 37 9.62 14.72 3.73
CA SER B 37 8.60 13.91 4.35
C SER B 37 8.01 14.61 5.53
N PRO B 38 6.74 14.40 5.79
CA PRO B 38 6.11 14.86 7.01
C PRO B 38 6.17 13.94 8.26
N ILE B 39 6.95 12.89 8.16
CA ILE B 39 7.10 11.86 9.15
C ILE B 39 8.50 12.01 9.86
N SER B 40 8.48 12.12 11.19
CA SER B 40 9.71 12.17 11.96
C SER B 40 10.36 10.80 12.13
N LEU B 41 11.65 10.80 12.29
CA LEU B 41 12.35 9.55 12.59
C LEU B 41 11.99 8.85 13.89
N THR B 42 11.37 9.54 14.88
CA THR B 42 10.95 8.81 16.04
C THR B 42 9.82 7.80 15.67
N GLU B 43 9.08 8.00 14.58
CA GLU B 43 8.07 7.09 14.16
C GLU B 43 8.66 5.80 13.59
N PHE B 44 9.92 5.81 13.22
CA PHE B 44 10.47 4.64 12.46
C PHE B 44 10.59 3.38 13.34
N SER B 45 10.58 3.55 14.64
CA SER B 45 10.65 2.45 15.57
C SER B 45 9.46 1.53 15.39
N GLN B 46 8.33 2.02 14.85
CA GLN B 46 7.12 1.18 14.67
C GLN B 46 7.39 0.02 13.65
N TYR B 47 8.39 0.24 12.82
CA TYR B 47 8.67 -0.68 11.71
C TYR B 47 9.18 -2.03 12.21
N TRP B 48 9.51 -2.15 13.49
CA TRP B 48 10.02 -3.39 14.03
C TRP B 48 8.86 -4.40 14.32
N ALA B 49 7.59 -3.97 14.25
CA ALA B 49 6.51 -4.91 14.60
C ALA B 49 5.19 -4.73 13.91
N GLU B 50 5.22 -4.37 12.62
CA GLU B 50 4.00 -4.22 11.84
C GLU B 50 3.37 -5.55 11.35
N HIS B 51 3.95 -6.71 11.75
CA HIS B 51 3.30 -8.03 11.59
C HIS B 51 3.15 -8.67 12.92
N PRO B 52 2.08 -8.33 13.65
CA PRO B 52 1.99 -8.72 15.08
C PRO B 52 2.13 -10.24 15.32
N GLU B 53 1.53 -11.02 14.43
CA GLU B 53 1.58 -12.49 14.45
C GLU B 53 2.98 -13.05 14.29
N LEU B 54 3.83 -12.37 13.53
CA LEU B 54 5.21 -12.79 13.40
C LEU B 54 6.07 -12.40 14.59
N PHE B 55 5.75 -11.23 15.15
CA PHE B 55 6.43 -10.74 16.33
C PHE B 55 6.22 -11.72 17.50
N LEU B 56 5.01 -12.21 17.64
CA LEU B 56 4.63 -12.97 18.83
C LEU B 56 4.79 -14.47 18.64
N GLU B 57 4.87 -14.94 17.39
CA GLU B 57 4.90 -16.40 17.10
C GLU B 57 5.94 -17.18 17.91
N PRO B 58 7.17 -16.65 18.12
CA PRO B 58 8.11 -17.48 18.86
C PRO B 58 7.67 -17.79 20.29
N SER B 59 6.85 -16.91 20.87
CA SER B 59 6.40 -17.10 22.22
C SER B 59 5.39 -18.27 22.29
N PHE B 60 4.81 -18.66 21.17
CA PHE B 60 3.85 -19.75 21.19
C PHE B 60 4.47 -21.15 20.98
N ILE B 61 5.78 -21.22 20.76
CA ILE B 61 6.50 -22.43 20.46
C ILE B 61 7.15 -22.95 21.73
N ASN B 62 6.81 -24.16 22.10
CA ASN B 62 7.38 -24.79 23.29
C ASN B 62 7.71 -26.27 23.07
N ASP B 63 8.27 -26.90 24.09
CA ASP B 63 8.71 -28.27 24.00
C ASP B 63 7.60 -29.24 23.61
N ASP B 64 6.34 -28.90 23.90
CA ASP B 64 5.19 -29.76 23.56
C ASP B 64 4.48 -29.55 22.26
N ASN B 65 4.88 -28.53 21.47
CA ASN B 65 4.15 -28.22 20.24
C ASN B 65 5.05 -27.77 19.10
N TYR B 66 6.37 -27.75 19.28
CA TYR B 66 7.21 -27.04 18.33
C TYR B 66 7.15 -27.58 16.90
N LYS B 67 6.95 -28.89 16.75
CA LYS B 67 6.86 -29.45 15.43
C LYS B 67 5.63 -29.01 14.65
N GLU B 68 4.63 -28.53 15.36
CA GLU B 68 3.39 -28.00 14.80
C GLU B 68 3.52 -26.49 14.52
N HIS B 69 4.65 -25.89 14.86
CA HIS B 69 4.91 -24.44 14.67
C HIS B 69 6.21 -24.19 13.82
N CYS B 70 6.41 -24.98 12.80
CA CYS B 70 7.49 -24.77 11.85
C CYS B 70 7.02 -25.19 10.49
N LEU B 71 6.28 -24.29 9.88
CA LEU B 71 5.62 -24.60 8.65
C LEU B 71 6.59 -25.10 7.57
N ILE B 72 7.78 -24.55 7.49
CA ILE B 72 8.71 -25.02 6.47
C ILE B 72 9.39 -26.31 6.83
N ASP B 73 9.29 -26.77 8.08
CA ASP B 73 9.93 -28.04 8.42
C ASP B 73 9.29 -28.68 9.66
N PRO B 74 8.24 -29.46 9.42
CA PRO B 74 7.63 -30.18 10.51
C PRO B 74 8.48 -31.22 11.20
N GLU B 75 9.67 -31.46 10.67
CA GLU B 75 10.64 -32.32 11.32
C GLU B 75 11.82 -31.53 11.86
N VAL B 76 11.59 -30.24 12.16
CA VAL B 76 12.61 -29.45 12.80
C VAL B 76 13.19 -30.17 14.02
N GLU B 77 14.49 -29.97 14.25
CA GLU B 77 15.21 -30.73 15.22
C GLU B 77 14.97 -30.32 16.64
N SER B 78 14.51 -29.07 16.91
CA SER B 78 14.38 -28.61 18.26
C SER B 78 13.50 -27.39 18.38
N PRO B 79 12.88 -27.19 19.56
CA PRO B 79 12.12 -25.95 19.70
C PRO B 79 12.99 -24.70 19.62
N GLU B 80 14.23 -24.77 20.05
CA GLU B 80 15.17 -23.61 19.87
C GLU B 80 15.37 -23.24 18.41
N LEU B 81 15.47 -24.25 17.55
CA LEU B 81 15.63 -24.06 16.14
C LEU B 81 14.33 -23.55 15.51
N ALA B 82 13.18 -24.12 15.90
CA ALA B 82 11.91 -23.59 15.51
C ALA B 82 11.75 -22.10 15.83
N ARG B 83 12.22 -21.71 17.03
CA ARG B 83 12.08 -20.30 17.43
C ARG B 83 13.07 -19.41 16.69
N MET B 84 14.25 -19.94 16.37
CA MET B 84 15.18 -19.18 15.53
C MET B 84 14.62 -18.92 14.12
N LEU B 85 13.95 -19.94 13.58
CA LEU B 85 13.31 -19.78 12.26
C LEU B 85 12.22 -18.73 12.31
N ALA B 86 11.45 -18.74 13.38
CA ALA B 86 10.36 -17.76 13.51
C ALA B 86 10.92 -16.35 13.70
N VAL B 87 11.99 -16.21 14.49
CA VAL B 87 12.60 -14.89 14.73
C VAL B 87 13.21 -14.37 13.42
N THR B 88 13.82 -15.25 12.62
CA THR B 88 14.37 -14.87 11.35
C THR B 88 13.23 -14.42 10.37
N LYS B 89 12.09 -15.11 10.36
CA LYS B 89 10.99 -14.69 9.56
C LYS B 89 10.48 -13.34 9.98
N TRP B 90 10.35 -13.17 11.28
CA TRP B 90 9.94 -11.87 11.78
C TRP B 90 10.94 -10.76 11.31
N PHE B 91 12.23 -10.99 11.49
CA PHE B 91 13.22 -10.00 11.11
C PHE B 91 13.11 -9.67 9.62
N ILE B 92 13.00 -10.69 8.77
CA ILE B 92 12.84 -10.42 7.36
C ILE B 92 11.58 -9.64 7.09
N SER B 93 10.50 -9.91 7.81
CA SER B 93 9.20 -9.18 7.65
C SER B 93 9.27 -7.69 8.03
N THR B 94 10.26 -7.32 8.84
CA THR B 94 10.40 -5.93 9.23
C THR B 94 10.98 -5.11 8.08
N LEU B 95 11.63 -5.73 7.09
CA LEU B 95 12.50 -4.90 6.23
C LEU B 95 11.71 -4.04 5.27
N LYS B 96 10.66 -4.61 4.68
CA LYS B 96 9.81 -3.80 3.86
C LYS B 96 9.23 -2.59 4.60
N SER B 97 8.84 -2.75 5.86
CA SER B 97 8.35 -1.60 6.66
C SER B 97 9.47 -0.60 6.83
N GLN B 98 10.63 -1.09 7.26
CA GLN B 98 11.75 -0.21 7.50
C GLN B 98 12.10 0.61 6.28
N TYR B 99 12.22 -0.07 5.14
CA TYR B 99 12.96 0.49 4.04
C TYR B 99 12.13 0.90 2.81
N CYS B 100 10.88 0.47 2.77
CA CYS B 100 9.98 0.75 1.64
C CYS B 100 8.80 1.60 1.95
N SER B 101 8.52 1.88 3.21
CA SER B 101 7.22 2.50 3.53
C SER B 101 7.00 3.88 2.91
N ARG B 102 8.05 4.68 2.86
CA ARG B 102 7.89 6.00 2.26
C ARG B 102 7.73 5.94 0.74
N ASN B 103 8.37 4.96 0.08
CA ASN B 103 8.12 4.77 -1.32
C ASN B 103 6.59 4.57 -1.60
N GLU B 104 5.93 3.81 -0.77
CA GLU B 104 4.52 3.54 -0.93
C GLU B 104 3.62 4.71 -0.60
N SER B 105 3.91 5.38 0.48
CA SER B 105 2.99 6.43 0.99
C SER B 105 3.28 7.82 0.47
N LEU B 106 4.56 8.10 0.15
CA LEU B 106 5.04 9.41 -0.31
C LEU B 106 5.47 9.46 -1.80
N GLY B 107 5.82 8.30 -2.36
CA GLY B 107 6.23 8.14 -3.74
C GLY B 107 7.66 7.87 -4.01
N SER B 108 8.46 8.05 -2.97
CA SER B 108 9.89 7.80 -2.93
C SER B 108 10.39 7.94 -1.53
N GLU B 109 11.63 7.53 -1.28
CA GLU B 109 12.29 7.84 0.00
C GLU B 109 12.42 9.37 -0.04
N LYS B 110 12.19 9.99 1.12
CA LYS B 110 12.31 11.48 1.31
C LYS B 110 13.06 11.82 2.56
N LYS B 111 13.30 13.12 2.75
CA LYS B 111 14.10 13.60 3.84
C LYS B 111 13.15 13.62 5.04
N PRO B 112 13.43 12.83 6.10
CA PRO B 112 12.55 12.75 7.25
C PRO B 112 12.65 14.01 8.12
N LEU B 113 11.65 14.26 8.92
CA LEU B 113 11.82 15.23 9.96
C LEU B 113 12.87 14.79 10.92
N ASN B 114 13.73 15.75 11.32
CA ASN B 114 14.77 15.50 12.25
C ASN B 114 14.27 15.73 13.69
N PRO B 115 14.17 14.67 14.50
CA PRO B 115 13.46 14.82 15.78
C PRO B 115 14.13 15.81 16.75
N PHE B 116 13.30 16.48 17.55
CA PHE B 116 13.78 17.26 18.65
C PHE B 116 14.13 16.39 19.85
N LEU B 117 15.12 16.78 20.63
CA LEU B 117 15.41 16.07 21.86
C LEU B 117 14.21 16.05 22.78
N GLY B 118 13.90 14.88 23.26
CA GLY B 118 12.79 14.68 24.15
C GLY B 118 11.52 14.24 23.43
N GLU B 119 11.52 14.27 22.08
CA GLU B 119 10.35 13.91 21.30
C GLU B 119 9.96 12.48 21.59
N LEU B 120 8.67 12.20 21.68
CA LEU B 120 8.14 10.87 22.00
C LEU B 120 7.19 10.43 20.91
N PHE B 121 7.10 9.12 20.67
CA PHE B 121 6.09 8.57 19.78
C PHE B 121 5.65 7.27 20.38
N VAL B 122 4.37 7.15 20.64
CA VAL B 122 3.80 6.04 21.35
C VAL B 122 2.52 5.59 20.67
N GLY B 123 2.22 4.32 20.86
CA GLY B 123 0.96 3.72 20.39
C GLY B 123 0.89 2.24 20.75
N LYS B 124 -0.10 1.56 20.19
CA LYS B 124 -0.36 0.15 20.55
C LYS B 124 -0.95 -0.56 19.39
N TRP B 125 -0.56 -1.84 19.25
CA TRP B 125 -1.26 -2.75 18.38
C TRP B 125 -2.22 -3.49 19.31
N GLU B 126 -3.54 -3.21 19.09
CA GLU B 126 -4.51 -3.77 20.00
C GLU B 126 -4.78 -5.29 19.71
N ASN B 127 -4.48 -5.77 18.52
CA ASN B 127 -4.63 -7.19 18.18
C ASN B 127 -6.06 -7.72 18.49
N LYS B 128 -7.08 -6.91 18.15
CA LYS B 128 -8.47 -7.16 18.59
C LYS B 128 -9.03 -8.44 17.98
N GLU B 129 -8.60 -8.78 16.78
CA GLU B 129 -9.01 -10.02 16.08
C GLU B 129 -8.29 -11.27 16.55
N HIS B 130 -7.36 -11.16 17.51
CA HIS B 130 -6.62 -12.29 18.05
C HIS B 130 -6.42 -12.08 19.54
N PRO B 131 -7.41 -12.48 20.39
CA PRO B 131 -7.31 -12.17 21.85
C PRO B 131 -6.22 -12.90 22.57
N GLU B 132 -5.70 -14.01 22.01
CA GLU B 132 -4.54 -14.70 22.58
C GLU B 132 -3.22 -13.85 22.47
N PHE B 133 -3.23 -12.92 21.55
CA PHE B 133 -2.04 -12.00 21.33
C PHE B 133 -1.91 -10.99 22.46
N GLY B 134 -3.01 -10.36 22.83
CA GLY B 134 -2.98 -9.25 23.78
C GLY B 134 -2.36 -8.02 23.12
N GLU B 135 -2.35 -6.91 23.80
CA GLU B 135 -1.93 -5.66 23.22
C GLU B 135 -0.38 -5.57 23.27
N THR B 136 0.19 -4.98 22.22
CA THR B 136 1.59 -4.71 22.13
C THR B 136 1.80 -3.21 22.08
N VAL B 137 2.70 -2.70 22.95
CA VAL B 137 2.88 -1.28 23.14
C VAL B 137 4.20 -0.89 22.46
N LEU B 138 4.17 0.22 21.77
CA LEU B 138 5.40 0.90 21.29
C LEU B 138 5.71 2.14 22.08
N LEU B 139 6.96 2.27 22.55
CA LEU B 139 7.48 3.55 23.12
C LEU B 139 8.73 3.89 22.34
N SER B 140 8.74 5.08 21.75
CA SER B 140 9.90 5.61 21.04
C SER B 140 10.27 7.01 21.54
N GLU B 141 11.56 7.27 21.71
CA GLU B 141 12.03 8.47 22.38
C GLU B 141 13.26 8.99 21.71
N GLN B 142 13.30 10.30 21.41
CA GLN B 142 14.53 10.87 20.88
C GLN B 142 15.47 11.23 22.00
N VAL B 143 16.40 10.33 22.25
CA VAL B 143 17.37 10.51 23.40
C VAL B 143 18.59 11.33 23.09
N SER B 144 18.76 11.66 21.83
CA SER B 144 19.83 12.66 21.41
C SER B 144 19.41 13.40 20.15
N HIS B 145 19.83 14.66 20.05
CA HIS B 145 19.72 15.41 18.86
C HIS B 145 21.07 15.71 18.19
N HIS B 146 22.12 15.84 18.99
CA HIS B 146 23.49 16.12 18.52
C HIS B 146 24.34 14.93 18.96
N PRO B 147 24.34 13.80 18.22
CA PRO B 147 23.69 13.55 16.94
C PRO B 147 22.30 12.91 17.20
N PRO B 148 21.52 12.73 16.14
CA PRO B 148 20.17 12.16 16.30
C PRO B 148 20.29 10.67 16.72
N VAL B 149 19.65 10.36 17.84
CA VAL B 149 19.53 9.01 18.32
C VAL B 149 18.12 8.74 18.80
N THR B 150 17.53 7.64 18.32
CA THR B 150 16.20 7.23 18.71
C THR B 150 16.34 5.92 19.46
N ALA B 151 15.70 5.82 20.61
CA ALA B 151 15.61 4.60 21.40
C ALA B 151 14.16 4.15 21.44
N PHE B 152 13.98 2.88 21.63
CA PHE B 152 12.62 2.32 21.52
C PHE B 152 12.45 0.97 22.22
N SER B 153 11.20 0.73 22.59
CA SER B 153 10.82 -0.55 23.12
C SER B 153 9.44 -0.91 22.63
N ILE B 154 9.27 -2.18 22.33
CA ILE B 154 7.97 -2.75 21.91
C ILE B 154 7.77 -3.99 22.71
N PHE B 155 6.66 -4.05 23.46
CA PHE B 155 6.53 -5.13 24.46
C PHE B 155 5.05 -5.59 24.57
N ASN B 156 4.93 -6.90 24.72
CA ASN B 156 3.67 -7.63 24.86
C ASN B 156 3.74 -8.39 26.15
N ASP B 157 3.10 -7.81 27.17
CA ASP B 157 3.16 -8.41 28.49
C ASP B 157 2.46 -9.79 28.58
N LYS B 158 1.43 -10.02 27.77
CA LYS B 158 0.63 -11.22 27.89
C LYS B 158 1.48 -12.43 27.53
N ASN B 159 2.25 -12.28 26.47
CA ASN B 159 3.09 -13.37 25.97
C ASN B 159 4.55 -13.24 26.36
N LYS B 160 4.90 -12.23 27.14
CA LYS B 160 6.26 -12.06 27.59
C LYS B 160 7.25 -11.95 26.37
N VAL B 161 6.89 -11.13 25.43
CA VAL B 161 7.75 -10.80 24.25
C VAL B 161 8.14 -9.32 24.41
N LYS B 162 9.43 -9.01 24.52
CA LYS B 162 9.84 -7.64 24.59
C LYS B 162 11.04 -7.36 23.72
N LEU B 163 11.02 -6.19 23.14
CA LEU B 163 12.06 -5.72 22.26
C LEU B 163 12.54 -4.36 22.79
N GLN B 164 13.84 -4.11 22.75
CA GLN B 164 14.34 -2.77 22.94
C GLN B 164 15.52 -2.55 22.09
N GLY B 165 15.78 -1.30 21.71
CA GLY B 165 16.87 -1.08 20.79
C GLY B 165 17.12 0.41 20.67
N TYR B 166 18.18 0.79 19.99
CA TYR B 166 18.32 2.18 19.65
C TYR B 166 19.02 2.24 18.31
N ASN B 167 18.94 3.41 17.69
CA ASN B 167 19.48 3.64 16.38
C ASN B 167 20.05 5.04 16.18
N GLN B 168 21.20 5.11 15.51
CA GLN B 168 21.78 6.33 14.97
C GLN B 168 22.56 6.02 13.74
N ILE B 169 22.85 7.08 12.96
CA ILE B 169 23.60 6.84 11.69
C ILE B 169 24.75 7.78 11.50
N LYS B 170 25.61 7.43 10.55
CA LYS B 170 26.57 8.36 10.00
C LYS B 170 26.43 8.19 8.49
N ALA B 171 26.33 9.33 7.81
CA ALA B 171 25.95 9.35 6.38
C ALA B 171 26.85 10.33 5.66
N SER B 172 27.22 10.00 4.44
CA SER B 172 27.91 10.94 3.57
C SER B 172 27.72 10.53 2.12
N PHE B 173 28.00 11.50 1.22
CA PHE B 173 27.77 11.27 -0.21
C PHE B 173 28.99 10.76 -0.87
N THR B 174 28.78 9.84 -1.78
CA THR B 174 29.83 9.47 -2.69
C THR B 174 29.99 10.48 -3.84
N LYS B 175 31.05 10.30 -4.63
CA LYS B 175 31.24 11.07 -5.89
C LYS B 175 30.04 11.01 -6.81
N SER B 176 29.44 9.84 -6.89
CA SER B 176 28.23 9.60 -7.71
C SER B 176 26.93 10.11 -7.11
N LEU B 177 26.99 10.69 -5.90
CA LEU B 177 25.81 11.18 -5.17
C LEU B 177 24.88 10.06 -4.75
N MET B 178 25.47 8.93 -4.40
CA MET B 178 24.77 7.98 -3.50
C MET B 178 25.00 8.39 -2.10
N LEU B 179 24.00 8.28 -1.24
CA LEU B 179 24.22 8.58 0.18
C LEU B 179 24.59 7.27 0.88
N THR B 180 25.82 7.15 1.36
CA THR B 180 26.28 6.01 2.12
C THR B 180 25.83 6.15 3.56
N VAL B 181 25.18 5.12 4.09
CA VAL B 181 24.61 5.16 5.44
C VAL B 181 25.20 4.04 6.27
N LYS B 182 25.82 4.37 7.40
CA LYS B 182 26.20 3.36 8.40
C LYS B 182 25.25 3.42 9.57
N GLN B 183 24.53 2.33 9.89
CA GLN B 183 23.71 2.29 11.11
C GLN B 183 24.60 1.94 12.30
N PHE B 184 24.20 2.42 13.46
CA PHE B 184 24.88 2.17 14.73
C PHE B 184 23.72 1.83 15.69
N GLY B 185 24.00 1.02 16.68
CA GLY B 185 23.03 0.53 17.60
C GLY B 185 22.67 -0.93 17.34
N HIS B 186 21.77 -1.42 18.17
CA HIS B 186 21.37 -2.82 18.14
C HIS B 186 20.02 -2.89 18.79
N THR B 187 19.37 -4.03 18.51
CA THR B 187 18.10 -4.35 19.13
C THR B 187 18.11 -5.73 19.79
N MET B 188 17.58 -5.84 21.03
CA MET B 188 17.40 -7.12 21.71
C MET B 188 15.94 -7.54 21.78
N LEU B 189 15.66 -8.81 21.49
CA LEU B 189 14.33 -9.40 21.56
C LEU B 189 14.38 -10.50 22.58
N ASP B 190 13.53 -10.39 23.61
CA ASP B 190 13.40 -11.45 24.61
C ASP B 190 12.11 -12.18 24.44
N ILE B 191 12.19 -13.52 24.30
CA ILE B 191 10.96 -14.33 24.08
C ILE B 191 10.92 -15.19 25.38
N LYS B 192 10.11 -14.81 26.35
CA LYS B 192 10.18 -15.38 27.69
C LYS B 192 11.64 -15.27 28.19
N ASP B 193 12.30 -16.36 28.54
CA ASP B 193 13.63 -16.25 29.07
C ASP B 193 14.74 -16.46 27.96
N GLU B 194 14.36 -16.45 26.71
CA GLU B 194 15.32 -16.69 25.63
C GLU B 194 15.56 -15.35 24.93
N SER B 195 16.80 -15.03 24.64
CA SER B 195 17.11 -13.72 24.05
C SER B 195 17.77 -13.79 22.67
N TYR B 196 17.56 -12.72 21.89
CA TYR B 196 18.07 -12.57 20.57
C TYR B 196 18.68 -11.18 20.40
N LEU B 197 19.89 -11.10 19.86
CA LEU B 197 20.51 -9.81 19.51
C LEU B 197 20.54 -9.64 18.01
N VAL B 198 19.96 -8.53 17.58
CA VAL B 198 19.79 -8.21 16.19
C VAL B 198 20.58 -6.96 15.83
N THR B 199 21.37 -7.02 14.79
CA THR B 199 22.14 -5.88 14.32
C THR B 199 21.57 -5.40 12.93
N PRO B 200 21.22 -4.13 12.82
CA PRO B 200 20.79 -3.59 11.48
C PRO B 200 21.92 -3.48 10.47
N PRO B 201 21.59 -3.53 9.19
CA PRO B 201 22.63 -3.47 8.17
C PRO B 201 23.02 -2.11 7.69
N PRO B 202 24.21 -1.98 7.09
CA PRO B 202 24.49 -0.76 6.36
C PRO B 202 23.65 -0.64 5.12
N LEU B 203 23.57 0.55 4.57
CA LEU B 203 22.72 0.76 3.36
C LEU B 203 23.18 1.97 2.55
N HIS B 204 22.59 2.14 1.36
CA HIS B 204 22.82 3.41 0.72
C HIS B 204 21.57 3.84 0.01
N ILE B 205 21.51 5.13 -0.27
CA ILE B 205 20.35 5.70 -0.93
C ILE B 205 20.73 5.98 -2.34
N GLU B 206 20.03 5.32 -3.28
CA GLU B 206 20.22 5.35 -4.75
C GLU B 206 19.14 6.30 -5.29
N GLY B 207 19.26 6.70 -6.50
CA GLY B 207 18.13 7.43 -7.13
C GLY B 207 18.13 8.93 -6.91
N ILE B 208 19.16 9.50 -6.27
CA ILE B 208 19.12 10.92 -5.92
C ILE B 208 19.30 11.74 -7.23
N LEU B 209 20.20 11.30 -8.10
CA LEU B 209 20.39 12.04 -9.38
C LEU B 209 19.05 12.24 -10.09
N VAL B 210 18.21 11.20 -10.17
CA VAL B 210 16.94 11.27 -10.90
C VAL B 210 15.73 11.66 -10.03
N ALA B 211 16.00 12.13 -8.82
CA ALA B 211 14.95 12.67 -7.89
C ALA B 211 13.88 11.59 -7.60
N SER B 212 14.35 10.35 -7.44
CA SER B 212 13.45 9.25 -6.99
C SER B 212 14.25 8.34 -6.06
N PRO B 213 14.53 8.85 -4.86
CA PRO B 213 15.41 8.12 -3.94
C PRO B 213 14.79 6.79 -3.48
N PHE B 214 15.65 5.85 -3.22
CA PHE B 214 15.27 4.60 -2.59
C PHE B 214 16.45 3.97 -1.86
N VAL B 215 16.09 3.11 -0.91
CA VAL B 215 17.08 2.34 -0.15
C VAL B 215 17.56 1.08 -0.85
N GLU B 216 18.86 0.82 -0.77
CA GLU B 216 19.42 -0.50 -1.09
C GLU B 216 20.25 -0.94 0.05
N LEU B 217 19.92 -2.12 0.56
CA LEU B 217 20.67 -2.66 1.72
C LEU B 217 21.95 -3.26 1.30
N GLU B 218 22.96 -3.22 2.17
CA GLU B 218 24.18 -3.91 1.85
C GLU B 218 24.70 -4.63 3.10
N GLY B 219 25.88 -5.23 3.01
CA GLY B 219 26.50 -5.81 4.18
C GLY B 219 25.71 -6.96 4.81
N LYS B 220 25.77 -7.03 6.14
CA LYS B 220 25.21 -8.18 6.89
C LYS B 220 24.55 -7.66 8.14
N SER B 221 23.52 -8.39 8.52
CA SER B 221 22.85 -8.33 9.81
C SER B 221 23.07 -9.71 10.49
N TYR B 222 23.13 -9.69 11.79
CA TYR B 222 23.15 -10.84 12.66
C TYR B 222 22.00 -10.96 13.57
N ILE B 223 21.61 -12.23 13.83
CA ILE B 223 20.62 -12.54 14.92
C ILE B 223 21.29 -13.66 15.79
N GLN B 224 21.84 -13.26 16.92
CA GLN B 224 22.52 -14.20 17.82
C GLN B 224 21.58 -14.53 18.94
N SER B 225 21.32 -15.81 19.17
CA SER B 225 20.48 -16.22 20.27
C SER B 225 21.24 -16.68 21.50
N SER B 226 20.59 -16.60 22.64
CA SER B 226 21.09 -17.16 23.91
C SER B 226 21.16 -18.70 23.86
N THR B 227 20.50 -19.30 22.87
CA THR B 227 20.53 -20.74 22.68
C THR B 227 21.82 -21.15 21.93
N GLY B 228 22.66 -20.21 21.51
CA GLY B 228 23.83 -20.48 20.69
C GLY B 228 23.61 -20.32 19.18
N LEU B 229 22.38 -20.52 18.76
CA LEU B 229 22.06 -20.42 17.34
C LEU B 229 22.32 -18.94 16.85
N LEU B 230 22.77 -18.91 15.59
CA LEU B 230 23.12 -17.68 14.92
C LEU B 230 22.56 -17.69 13.49
N CYS B 231 21.81 -16.66 13.14
CA CYS B 231 21.44 -16.30 11.80
C CYS B 231 22.29 -15.19 11.24
N VAL B 232 22.87 -15.41 10.07
CA VAL B 232 23.64 -14.37 9.32
C VAL B 232 22.91 -14.03 8.05
N ILE B 233 22.51 -12.79 7.91
CA ILE B 233 21.75 -12.31 6.75
C ILE B 233 22.62 -11.40 5.89
N GLU B 234 22.87 -11.79 4.62
CA GLU B 234 23.68 -10.99 3.74
C GLU B 234 22.81 -10.36 2.68
N PHE B 235 22.99 -9.05 2.51
CA PHE B 235 22.19 -8.26 1.58
C PHE B 235 23.00 -7.94 0.35
N SER B 236 22.36 -8.22 -0.78
CA SER B 236 22.93 -7.92 -2.04
C SER B 236 21.90 -7.08 -2.79
N GLY B 237 22.29 -6.50 -3.87
CA GLY B 237 21.29 -6.06 -4.89
C GLY B 237 21.70 -6.23 -6.37
N LYS B 244 16.29 -9.68 -8.83
CA LYS B 244 17.60 -9.31 -8.35
C LYS B 244 17.47 -8.11 -7.34
N LYS B 245 16.56 -7.14 -7.57
CA LYS B 245 16.48 -6.02 -6.60
C LYS B 245 16.15 -6.53 -5.12
N ASN B 246 16.84 -6.01 -4.09
CA ASN B 246 16.50 -6.32 -2.67
C ASN B 246 16.69 -7.80 -2.32
N SER B 247 17.71 -8.40 -2.85
CA SER B 247 18.02 -9.83 -2.63
C SER B 247 18.86 -10.05 -1.39
N PHE B 248 18.62 -11.15 -0.71
CA PHE B 248 19.43 -11.52 0.43
C PHE B 248 19.59 -12.98 0.50
N LYS B 249 20.48 -13.38 1.38
CA LYS B 249 20.58 -14.76 1.76
C LYS B 249 20.76 -14.81 3.23
N ALA B 250 20.08 -15.75 3.91
CA ALA B 250 20.20 -15.84 5.37
C ALA B 250 20.53 -17.31 5.65
N ARG B 251 21.47 -17.49 6.54
CA ARG B 251 21.93 -18.84 6.95
C ARG B 251 21.91 -18.95 8.48
N ILE B 252 21.37 -20.05 8.97
CA ILE B 252 21.24 -20.39 10.41
C ILE B 252 22.23 -21.47 10.73
N TYR B 253 23.01 -21.18 11.74
CA TYR B 253 24.06 -22.04 12.27
C TYR B 253 23.79 -22.49 13.68
N LYS B 254 24.33 -23.70 14.00
CA LYS B 254 24.15 -24.34 15.34
C LYS B 254 24.83 -23.49 16.36
N ASP B 255 25.98 -23.00 15.96
CA ASP B 255 26.65 -22.06 16.83
C ASP B 255 27.41 -21.12 16.04
N SER B 256 27.88 -20.09 16.71
CA SER B 256 28.47 -18.99 16.00
C SER B 256 29.78 -19.34 15.28
N LYS B 257 30.58 -20.22 15.89
CA LYS B 257 31.83 -20.68 15.30
C LYS B 257 31.60 -21.34 13.93
N ASP B 258 30.45 -22.00 13.73
CA ASP B 258 30.16 -22.70 12.46
C ASP B 258 29.93 -21.72 11.31
N SER B 259 29.67 -20.44 11.65
CA SER B 259 29.27 -19.43 10.66
C SER B 259 30.36 -19.08 9.64
N LYS B 260 31.61 -19.51 9.95
CA LYS B 260 32.77 -19.35 9.02
C LYS B 260 32.65 -20.31 7.90
N ASP B 261 31.70 -21.26 7.97
CA ASP B 261 31.60 -22.29 6.93
C ASP B 261 30.14 -22.50 6.52
N LYS B 262 29.75 -21.91 5.40
CA LYS B 262 28.40 -21.99 4.89
C LYS B 262 27.89 -23.40 4.73
N GLU B 263 28.76 -24.34 4.37
CA GLU B 263 28.34 -25.75 4.26
C GLU B 263 27.75 -26.34 5.57
N LYS B 264 28.06 -25.73 6.72
CA LYS B 264 27.49 -26.13 8.00
C LYS B 264 26.14 -25.45 8.30
N ALA B 265 25.62 -24.62 7.44
CA ALA B 265 24.30 -23.97 7.66
C ALA B 265 23.21 -25.02 7.79
N LEU B 266 22.42 -24.94 8.85
CA LEU B 266 21.26 -25.84 9.03
C LEU B 266 20.20 -25.58 7.96
N TYR B 267 19.99 -24.28 7.67
CA TYR B 267 19.03 -23.82 6.65
C TYR B 267 19.62 -22.65 5.91
N THR B 268 19.22 -22.47 4.67
CA THR B 268 19.64 -21.36 3.83
C THR B 268 18.38 -20.79 3.16
N ILE B 269 18.16 -19.48 3.40
CA ILE B 269 17.00 -18.73 2.91
C ILE B 269 17.52 -17.77 1.87
N SER B 270 16.85 -17.69 0.72
CA SER B 270 17.27 -16.74 -0.30
C SER B 270 16.07 -16.22 -1.04
N GLY B 271 16.20 -14.97 -1.47
CA GLY B 271 15.14 -14.32 -2.26
C GLY B 271 15.22 -12.80 -2.07
N GLN B 272 14.08 -12.15 -2.14
CA GLN B 272 13.95 -10.72 -2.00
C GLN B 272 13.19 -10.39 -0.74
N TRP B 273 13.74 -9.48 0.07
CA TRP B 273 13.08 -9.10 1.35
C TRP B 273 11.85 -8.23 1.17
N SER B 274 11.71 -7.66 -0.03
CA SER B 274 10.49 -6.90 -0.38
C SER B 274 9.50 -7.76 -1.15
N GLY B 275 9.83 -9.03 -1.38
CA GLY B 275 8.98 -9.99 -2.08
C GLY B 275 9.01 -11.42 -1.50
N SER B 276 9.42 -12.38 -2.32
CA SER B 276 9.40 -13.81 -1.92
C SER B 276 10.81 -14.34 -1.69
N SER B 277 10.89 -15.19 -0.69
CA SER B 277 12.05 -15.98 -0.39
C SER B 277 11.71 -17.42 -0.11
N LYS B 278 12.67 -18.29 -0.45
CA LYS B 278 12.57 -19.71 -0.23
C LYS B 278 13.59 -20.21 0.73
N ILE B 279 13.35 -21.38 1.31
CA ILE B 279 14.30 -21.96 2.26
C ILE B 279 14.62 -23.38 1.82
N ILE B 280 15.90 -23.71 1.97
CA ILE B 280 16.43 -25.06 1.79
C ILE B 280 17.07 -25.54 3.08
N LYS B 281 16.75 -26.76 3.45
CA LYS B 281 17.38 -27.43 4.64
C LYS B 281 18.65 -28.17 4.21
N ALA B 282 19.70 -28.01 5.00
CA ALA B 282 21.00 -28.69 4.76
C ALA B 282 21.45 -28.31 3.35
N ASN B 283 21.88 -29.28 2.55
CA ASN B 283 22.12 -29.06 1.12
C ASN B 283 21.02 -29.59 0.13
N LYS B 284 19.77 -29.73 0.59
CA LYS B 284 18.73 -30.38 -0.22
C LYS B 284 18.12 -29.34 -1.17
N LYS B 285 18.94 -28.96 -2.16
CA LYS B 285 18.69 -27.80 -3.05
C LYS B 285 17.49 -28.04 -3.92
N GLU B 286 17.21 -29.31 -4.19
CA GLU B 286 16.05 -29.69 -4.98
C GLU B 286 14.77 -29.63 -4.16
N GLU B 287 14.86 -29.49 -2.83
CA GLU B 287 13.66 -29.29 -2.07
C GLU B 287 13.79 -27.92 -1.43
N SER B 288 13.09 -26.97 -1.98
CA SER B 288 12.94 -25.70 -1.31
C SER B 288 11.48 -25.50 -1.07
N ARG B 289 11.17 -24.65 -0.10
CA ARG B 289 9.77 -24.25 0.16
C ARG B 289 9.73 -22.77 0.31
N LEU B 290 8.54 -22.20 0.12
CA LEU B 290 8.31 -20.78 0.35
C LEU B 290 8.51 -20.46 1.87
N PHE B 291 9.39 -19.50 2.16
CA PHE B 291 9.67 -19.05 3.51
C PHE B 291 8.88 -17.84 3.89
N TYR B 292 8.92 -16.83 3.05
CA TYR B 292 8.15 -15.58 3.37
C TYR B 292 7.83 -14.85 2.07
N ASP B 293 6.61 -14.33 1.97
CA ASP B 293 6.24 -13.53 0.80
C ASP B 293 5.61 -12.23 1.29
N ALA B 294 6.38 -11.18 1.22
CA ALA B 294 5.94 -9.88 1.77
C ALA B 294 4.67 -9.40 1.10
N ALA B 295 4.44 -9.82 -0.13
CA ALA B 295 3.23 -9.38 -0.86
C ALA B 295 1.92 -9.92 -0.25
N ARG B 296 1.99 -11.05 0.45
CA ARG B 296 0.80 -11.74 0.91
C ARG B 296 0.23 -11.31 2.22
N ILE B 297 1.06 -10.61 3.01
CA ILE B 297 0.74 -10.25 4.35
C ILE B 297 0.80 -8.69 4.56
N PRO B 298 -0.33 -8.00 4.50
CA PRO B 298 -0.39 -6.54 4.62
C PRO B 298 0.21 -6.08 5.98
N ALA B 299 1.05 -5.05 6.01
CA ALA B 299 1.49 -4.49 7.30
C ALA B 299 0.27 -4.03 8.04
N GLU B 300 0.32 -4.13 9.35
CA GLU B 300 -0.71 -3.62 10.26
C GLU B 300 -0.13 -2.43 11.02
N HIS B 301 -0.76 -1.28 10.87
CA HIS B 301 -0.22 -0.06 11.52
C HIS B 301 -0.73 0.08 12.94
N LEU B 302 0.10 0.60 13.80
CA LEU B 302 -0.36 0.69 15.16
C LEU B 302 -1.45 1.76 15.34
N ASN B 303 -2.21 1.59 16.37
CA ASN B 303 -3.14 2.63 16.88
C ASN B 303 -2.39 3.74 17.50
N VAL B 304 -2.61 4.96 16.98
CA VAL B 304 -2.02 6.17 17.65
C VAL B 304 -3.25 7.01 18.02
N LYS B 305 -3.18 7.63 19.17
CA LYS B 305 -4.36 8.40 19.64
C LYS B 305 -4.61 9.60 18.73
N PRO B 306 -5.86 10.07 18.70
CA PRO B 306 -6.20 11.31 17.98
C PRO B 306 -5.31 12.48 18.40
N LEU B 307 -4.93 13.29 17.42
CA LEU B 307 -4.11 14.52 17.63
C LEU B 307 -4.60 15.35 18.82
N GLU B 308 -5.93 15.49 18.91
CA GLU B 308 -6.54 16.27 20.06
C GLU B 308 -6.08 15.75 21.41
N GLU B 309 -5.81 14.43 21.51
CA GLU B 309 -5.51 13.80 22.76
C GLU B 309 -4.00 13.68 23.06
N GLN B 310 -3.15 14.06 22.10
CA GLN B 310 -1.71 13.91 22.29
C GLN B 310 -1.09 15.01 23.13
N HIS B 311 -0.08 14.62 23.87
CA HIS B 311 0.77 15.50 24.62
C HIS B 311 1.66 16.28 23.66
N PRO B 312 1.99 17.53 23.99
CA PRO B 312 2.79 18.32 23.06
C PRO B 312 4.23 17.81 22.84
N LEU B 313 4.69 16.82 23.62
CA LEU B 313 6.00 16.13 23.32
C LEU B 313 5.82 15.09 22.23
N GLU B 314 4.58 14.70 21.99
CA GLU B 314 4.33 13.59 21.04
C GLU B 314 4.51 14.05 19.62
N SER B 315 5.22 13.22 18.85
CA SER B 315 5.67 13.59 17.54
C SER B 315 4.66 14.24 16.62
N ARG B 316 3.52 13.58 16.39
CA ARG B 316 2.64 14.11 15.38
C ARG B 316 1.97 15.45 15.78
N LYS B 317 1.59 15.56 17.04
CA LYS B 317 1.11 16.84 17.55
C LYS B 317 2.16 17.91 17.43
N ALA B 318 3.39 17.63 17.92
CA ALA B 318 4.47 18.58 17.87
C ALA B 318 4.81 19.10 16.48
N TRP B 319 4.77 18.24 15.47
CA TRP B 319 5.19 18.57 14.13
C TRP B 319 4.03 18.95 13.20
N TYR B 320 2.82 19.05 13.73
CA TYR B 320 1.66 19.19 12.92
C TYR B 320 1.70 20.42 11.99
N ASP B 321 2.12 21.54 12.52
CA ASP B 321 2.11 22.78 11.72
C ASP B 321 3.20 22.70 10.68
N VAL B 322 4.34 22.11 11.06
CA VAL B 322 5.45 21.97 10.14
C VAL B 322 5.02 21.09 8.98
N ALA B 323 4.35 19.94 9.27
CA ALA B 323 3.85 19.02 8.28
C ALA B 323 2.85 19.66 7.37
N GLY B 324 1.95 20.47 7.94
CA GLY B 324 1.08 21.30 7.06
C GLY B 324 1.82 22.24 6.11
N ALA B 325 2.88 22.89 6.59
CA ALA B 325 3.66 23.86 5.83
C ALA B 325 4.44 23.12 4.72
N ILE B 326 4.84 21.86 5.01
CA ILE B 326 5.43 20.99 3.95
C ILE B 326 4.44 20.54 2.91
N LYS B 327 3.25 20.12 3.34
CA LYS B 327 2.18 19.57 2.49
C LYS B 327 1.74 20.55 1.42
N LEU B 328 1.92 21.83 1.66
CA LEU B 328 1.50 22.80 0.67
C LEU B 328 2.66 23.62 0.08
N GLY B 329 3.87 23.48 0.62
CA GLY B 329 5.07 23.75 -0.13
C GLY B 329 5.70 25.08 0.16
N ASP B 330 5.32 25.69 1.26
CA ASP B 330 5.70 27.07 1.51
C ASP B 330 7.03 27.13 2.28
N PHE B 331 8.12 27.38 1.55
CA PHE B 331 9.45 27.45 2.13
C PHE B 331 9.49 28.32 3.38
N ASN B 332 8.74 29.42 3.36
CA ASN B 332 8.83 30.38 4.45
C ASN B 332 7.98 29.95 5.65
N LEU B 333 6.84 29.36 5.37
CA LEU B 333 5.97 28.80 6.40
C LEU B 333 6.63 27.61 7.06
N ILE B 334 7.42 26.86 6.28
CA ILE B 334 8.18 25.73 6.83
C ILE B 334 9.18 26.29 7.82
N ALA B 335 9.93 27.32 7.43
CA ALA B 335 10.91 27.92 8.33
C ALA B 335 10.24 28.55 9.57
N LYS B 336 9.06 29.11 9.37
CA LYS B 336 8.39 29.89 10.42
C LYS B 336 7.86 28.90 11.45
N THR B 337 7.17 27.87 10.97
CA THR B 337 6.68 26.78 11.87
C THR B 337 7.82 26.03 12.61
N LYS B 338 8.97 25.87 11.98
CA LYS B 338 10.12 25.24 12.64
C LYS B 338 10.62 26.13 13.74
N THR B 339 10.65 27.46 13.51
CA THR B 339 11.04 28.35 14.58
C THR B 339 10.08 28.30 15.75
N GLU B 340 8.81 28.20 15.41
CA GLU B 340 7.78 28.10 16.41
C GLU B 340 7.84 26.79 17.22
N LEU B 341 8.23 25.66 16.58
CA LEU B 341 8.41 24.40 17.32
C LEU B 341 9.61 24.55 18.28
N GLU B 342 10.65 25.23 17.86
CA GLU B 342 11.79 25.33 18.70
C GLU B 342 11.41 26.11 19.99
N GLU B 343 10.59 27.13 19.82
CA GLU B 343 10.08 27.94 20.96
C GLU B 343 9.16 27.16 21.86
N THR B 344 8.25 26.45 21.23
CA THR B 344 7.29 25.63 21.95
C THR B 344 8.07 24.61 22.82
N GLN B 345 9.05 23.92 22.23
CA GLN B 345 9.73 22.94 22.96
C GLN B 345 10.62 23.53 24.07
N ARG B 346 11.23 24.69 23.81
CA ARG B 346 12.03 25.33 24.81
C ARG B 346 11.22 25.54 26.13
N GLU B 347 9.99 26.00 25.99
CA GLU B 347 9.14 26.32 27.14
C GLU B 347 8.62 25.04 27.75
N LEU B 348 8.34 24.02 26.89
CA LEU B 348 7.81 22.74 27.41
C LEU B 348 8.87 22.07 28.28
N ARG B 349 10.13 22.17 27.88
CA ARG B 349 11.20 21.57 28.66
C ARG B 349 11.34 22.13 30.09
N LYS B 350 11.14 23.43 30.15
CA LYS B 350 11.16 24.14 31.45
C LYS B 350 10.06 23.63 32.35
N GLU B 351 8.87 23.46 31.79
CA GLU B 351 7.73 22.85 32.56
C GLU B 351 8.09 21.42 33.00
N GLU B 352 8.69 20.61 32.11
CA GLU B 352 9.05 19.26 32.52
C GLU B 352 10.02 19.26 33.69
N GLU B 353 11.01 20.14 33.64
CA GLU B 353 12.05 20.17 34.66
C GLU B 353 11.45 20.63 35.99
N ALA B 354 10.51 21.57 35.90
CA ALA B 354 9.82 22.01 37.10
C ALA B 354 9.04 20.93 37.79
N LYS B 355 8.53 19.96 37.03
CA LYS B 355 7.81 18.82 37.57
C LYS B 355 8.70 17.65 37.98
N GLY B 356 10.01 17.82 37.86
CA GLY B 356 10.99 16.84 38.27
C GLY B 356 11.16 15.68 37.30
N ILE B 357 10.77 15.88 36.05
CA ILE B 357 10.79 14.84 35.01
C ILE B 357 12.07 14.86 34.21
N SER B 358 12.73 13.71 34.11
CA SER B 358 13.98 13.57 33.40
C SER B 358 13.62 13.47 31.95
N TRP B 359 13.08 14.54 31.34
CA TRP B 359 12.54 14.47 29.97
C TRP B 359 13.58 14.04 28.95
N GLN B 360 14.85 14.32 29.20
CA GLN B 360 15.91 13.88 28.26
C GLN B 360 16.17 12.42 28.29
N ARG B 361 15.88 11.81 29.45
CA ARG B 361 16.13 10.37 29.71
C ARG B 361 14.89 9.77 30.33
N ARG B 362 13.81 9.89 29.59
CA ARG B 362 12.49 9.68 30.10
C ARG B 362 12.19 8.24 30.46
N TRP B 363 12.43 7.33 29.50
CA TRP B 363 12.19 5.92 29.62
C TRP B 363 13.44 5.07 29.32
N PHE B 364 14.57 5.72 29.02
CA PHE B 364 15.78 5.06 28.62
C PHE B 364 16.92 5.74 29.34
N LYS B 365 17.90 4.95 29.79
CA LYS B 365 19.12 5.49 30.28
C LYS B 365 20.29 4.91 29.54
N ASP B 366 21.40 5.65 29.59
CA ASP B 366 22.58 5.33 28.81
C ASP B 366 23.59 4.71 29.75
N PHE B 367 24.04 3.55 29.40
CA PHE B 367 24.94 2.69 30.19
C PHE B 367 26.28 2.55 29.58
N ASP B 368 27.31 2.50 30.42
CA ASP B 368 28.66 2.54 29.96
C ASP B 368 29.26 1.13 30.08
N TYR B 369 29.57 0.50 28.93
CA TYR B 369 29.99 -0.88 28.88
C TYR B 369 31.51 -0.90 28.73
N SER B 370 32.21 0.21 28.90
CA SER B 370 33.66 0.16 28.75
C SER B 370 34.26 -0.72 29.83
N VAL B 371 35.38 -1.36 29.52
CA VAL B 371 36.05 -2.25 30.49
C VAL B 371 36.20 -1.54 31.83
N THR B 372 36.51 -0.27 31.74
CA THR B 372 36.66 0.57 32.89
C THR B 372 35.79 1.81 32.69
N PRO B 373 34.61 1.83 33.32
CA PRO B 373 33.68 2.93 33.14
C PRO B 373 34.09 4.12 33.99
N GLU B 374 33.60 5.29 33.64
CA GLU B 374 33.90 6.49 34.41
C GLU B 374 33.21 6.44 35.74
N GLU B 375 33.88 6.89 36.81
CA GLU B 375 33.23 7.02 38.13
C GLU B 375 31.96 7.77 37.82
N GLY B 376 30.85 7.39 38.45
CA GLY B 376 29.61 8.09 38.23
C GLY B 376 28.72 7.43 37.20
N ALA B 377 29.30 6.74 36.20
CA ALA B 377 28.47 6.23 35.11
C ALA B 377 27.62 5.08 35.53
N LEU B 378 26.50 4.89 34.82
CA LEU B 378 25.62 3.73 35.01
C LEU B 378 26.28 2.59 34.33
N VAL B 379 26.34 1.44 35.00
CA VAL B 379 27.04 0.27 34.50
C VAL B 379 26.10 -0.89 34.41
N PRO B 380 26.40 -1.84 33.52
CA PRO B 380 25.54 -3.01 33.35
C PRO B 380 25.49 -3.93 34.52
N GLU B 381 24.35 -4.59 34.71
CA GLU B 381 24.12 -5.54 35.83
C GLU B 381 24.93 -6.80 35.53
N LYS B 382 25.06 -7.71 36.51
CA LYS B 382 26.01 -8.84 36.44
C LYS B 382 25.93 -9.67 35.11
N ASP B 383 24.78 -10.27 34.94
CA ASP B 383 24.47 -11.24 33.89
C ASP B 383 23.87 -10.54 32.66
N ASP B 384 24.40 -9.36 32.34
CA ASP B 384 23.87 -8.51 31.22
C ASP B 384 23.72 -9.34 29.94
N THR B 385 22.54 -9.19 29.36
CA THR B 385 22.19 -9.96 28.15
C THR B 385 23.01 -9.59 26.96
N PHE B 386 23.19 -8.29 26.73
CA PHE B 386 23.96 -7.79 25.59
C PHE B 386 25.36 -8.34 25.68
N LEU B 387 25.97 -8.33 26.85
CA LEU B 387 27.33 -8.79 26.92
C LEU B 387 27.48 -10.26 26.58
N LYS B 388 26.52 -11.04 27.00
CA LYS B 388 26.57 -12.48 26.82
C LYS B 388 26.38 -12.80 25.33
N LEU B 389 25.43 -12.10 24.69
CA LEU B 389 25.16 -12.36 23.29
C LEU B 389 26.27 -11.82 22.39
N ALA B 390 26.80 -10.64 22.73
CA ALA B 390 27.88 -10.06 21.98
C ALA B 390 29.12 -10.97 22.07
N SER B 391 29.41 -11.52 23.26
CA SER B 391 30.49 -12.48 23.37
C SER B 391 30.32 -13.73 22.52
N ALA B 392 29.11 -14.28 22.47
CA ALA B 392 28.80 -15.43 21.64
C ALA B 392 29.08 -15.13 20.16
N LEU B 393 28.71 -13.94 19.72
CA LEU B 393 28.85 -13.53 18.32
C LEU B 393 30.23 -12.99 18.01
N ASN B 394 31.05 -12.76 19.02
CA ASN B 394 32.27 -12.01 18.82
C ASN B 394 32.04 -10.59 18.27
N LEU B 395 30.99 -9.95 18.78
CA LEU B 395 30.57 -8.64 18.41
C LEU B 395 31.27 -7.61 19.25
N SER B 396 31.76 -6.56 18.65
CA SER B 396 32.26 -5.40 19.39
C SER B 396 31.18 -4.83 20.31
N THR B 397 31.56 -4.51 21.53
CA THR B 397 30.64 -3.86 22.43
C THR B 397 30.82 -2.31 22.48
N LYS B 398 31.67 -1.76 21.61
CA LYS B 398 31.90 -0.34 21.44
C LYS B 398 30.85 0.33 20.59
N ASN B 399 30.90 1.64 20.51
CA ASN B 399 30.00 2.44 19.66
C ASN B 399 30.48 2.44 18.21
N ALA B 400 30.72 1.25 17.67
CA ALA B 400 31.16 1.02 16.32
C ALA B 400 29.92 0.80 15.45
N PRO B 401 30.05 0.84 14.15
CA PRO B 401 28.87 0.59 13.33
C PRO B 401 28.24 -0.74 13.70
N SER B 402 26.91 -0.87 13.51
CA SER B 402 26.24 -2.12 13.85
C SER B 402 26.84 -3.30 13.12
N GLY B 403 27.04 -4.39 13.85
CA GLY B 403 27.56 -5.62 13.25
C GLY B 403 29.10 -5.66 13.27
N THR B 404 29.77 -4.63 13.79
CA THR B 404 31.24 -4.69 13.79
C THR B 404 31.70 -5.79 14.75
N LEU B 405 32.68 -6.60 14.30
CA LEU B 405 33.22 -7.69 15.10
C LEU B 405 34.46 -7.22 15.87
N VAL B 406 34.74 -7.92 16.94
CA VAL B 406 35.98 -7.69 17.68
C VAL B 406 37.19 -7.84 16.74
N GLY B 407 38.04 -6.84 16.77
CA GLY B 407 39.21 -6.88 15.89
C GLY B 407 39.09 -6.18 14.61
N ASP B 408 37.87 -5.87 14.19
CA ASP B 408 37.64 -5.06 13.02
C ASP B 408 38.16 -3.62 13.21
N LYS B 409 38.45 -2.96 12.09
CA LYS B 409 39.01 -1.56 12.06
C LYS B 409 38.27 -0.63 13.00
N GLU B 410 36.95 -0.67 12.97
CA GLU B 410 36.18 0.25 13.85
C GLU B 410 36.17 -0.14 15.31
N ASP B 411 36.49 -1.40 15.64
CA ASP B 411 36.58 -1.83 16.99
C ASP B 411 37.97 -1.51 17.59
N ARG B 412 38.99 -1.49 16.75
CA ARG B 412 40.35 -1.37 17.30
C ARG B 412 40.61 0.02 17.81
N LYS B 413 39.83 0.99 17.37
CA LYS B 413 40.01 2.35 17.87
C LYS B 413 39.99 2.44 19.43
N GLU B 414 41.11 2.93 19.94
CA GLU B 414 41.19 3.58 21.22
C GLU B 414 40.56 4.98 20.92
N ASP B 415 39.85 5.54 21.89
CA ASP B 415 39.09 6.80 21.78
C ASP B 415 37.65 6.56 21.34
N LEU B 416 37.22 5.33 21.44
CA LEU B 416 35.85 5.03 21.11
C LEU B 416 35.07 4.60 22.32
N SER B 417 33.94 5.25 22.58
CA SER B 417 33.09 4.90 23.68
C SER B 417 32.30 3.57 23.51
N SER B 418 31.70 3.15 24.61
CA SER B 418 30.82 1.96 24.65
C SER B 418 29.53 2.25 25.39
N ILE B 419 28.85 3.32 24.98
CA ILE B 419 27.67 3.74 25.69
C ILE B 419 26.43 3.30 24.94
N HIS B 420 25.56 2.60 25.63
CA HIS B 420 24.35 2.04 24.98
C HIS B 420 23.08 2.39 25.76
N TRP B 421 22.01 2.73 25.03
CA TRP B 421 20.73 3.04 25.63
C TRP B 421 19.93 1.77 25.96
N ARG B 422 19.30 1.79 27.13
CA ARG B 422 18.55 0.68 27.71
C ARG B 422 17.22 1.12 28.21
N PHE B 423 16.18 0.41 27.79
CA PHE B 423 14.83 0.68 28.34
C PHE B 423 14.76 0.40 29.80
N GLN B 424 14.07 1.26 30.52
CA GLN B 424 13.73 1.06 31.94
C GLN B 424 12.22 1.04 32.15
N ARG B 425 11.68 -0.17 32.24
CA ARG B 425 10.26 -0.39 32.27
C ARG B 425 9.60 0.35 33.45
N GLU B 426 10.33 0.43 34.55
CA GLU B 426 9.71 1.13 35.76
C GLU B 426 9.50 2.60 35.47
N LEU B 427 10.35 3.22 34.62
CA LEU B 427 10.13 4.59 34.27
C LEU B 427 8.84 4.75 33.48
N TRP B 428 8.53 3.81 32.58
CA TRP B 428 7.24 3.85 31.91
C TRP B 428 6.07 3.58 32.85
N ASP B 429 6.26 2.67 33.78
CA ASP B 429 5.15 2.29 34.68
C ASP B 429 4.86 3.47 35.58
N GLU B 430 5.84 4.31 35.85
CA GLU B 430 5.65 5.52 36.68
C GLU B 430 5.32 6.79 35.90
N GLU B 431 5.20 6.69 34.58
CA GLU B 431 4.94 7.84 33.76
C GLU B 431 3.65 8.54 34.16
N LYS B 432 3.73 9.84 34.32
CA LYS B 432 2.58 10.62 34.80
C LYS B 432 1.98 11.56 33.77
N GLU B 433 2.52 11.64 32.54
CA GLU B 433 1.93 12.51 31.53
C GLU B 433 1.42 11.84 30.29
N ILE B 434 2.21 10.89 29.77
CA ILE B 434 1.91 10.33 28.47
C ILE B 434 1.05 9.13 28.63
N VAL B 435 0.06 8.95 27.77
CA VAL B 435 -0.75 7.74 27.84
C VAL B 435 -0.89 7.15 26.45
N LEU B 436 -1.63 6.06 26.35
CA LEU B 436 -1.85 5.40 25.04
C LEU B 436 -3.31 5.51 24.65
#